data_8GUZ
#
_entry.id   8GUZ
#
_cell.length_a   41.27
_cell.length_b   232.84
_cell.length_c   41.432
_cell.angle_alpha   90
_cell.angle_beta   93.96
_cell.angle_gamma   90
#
_symmetry.space_group_name_H-M   'P 1 21 1'
#
loop_
_entity.id
_entity.type
_entity.pdbx_description
1 polymer 'Anti-factor IXa IgG fab heavy chain'
2 polymer 'Anti-factor IXa IgG fab light chain'
3 non-polymer 1,2-ETHANEDIOL
4 water water
#
loop_
_entity_poly.entity_id
_entity_poly.type
_entity_poly.pdbx_seq_one_letter_code
_entity_poly.pdbx_strand_id
1 'polypeptide(L)'
;QVQLVESGGGLVQPGGSLRLSCAASGFTFSYYDIQWVRQAPGKGLEWVSSISPSGQSTYYRREVKGRFTISRDNSKNTLY
LQMNSLRAEDTAVYYCARRTGREEGGWIFDYWGQGTLVTVSSASTKGPSVFPLAPCSRSTSESTAALGCLVKDYFPEPVT
VSWNSGALTSGVHTFPAVLKSSGLYSLSSVVTVPSSSLGTQTYTCNVDHKPSNTKVDKRVESKYGDK
;
A,C
2 'polypeptide(L)'
;EIVLTQSPATLSVSPGERATLSCRASRSVRRELAWYQQKPGQAPELLIYGASTRETGIPARFSGSGSGTDFTLTINSLEA
EDAATYYCQQYRDPPGTFGGGTKVEIKRTVAAPSVFIFPPSDEQLKSGTAEVVCLLNNFYPREAKVQWKVDNALQSGNSQ
ESVTEQDSKDSTYSLSSTLELSKADYEKHKVYACEVTHQGLSSPVTKSFNRGEC
;
B,D
#
loop_
_chem_comp.id
_chem_comp.type
_chem_comp.name
_chem_comp.formula
EDO non-polymer 1,2-ETHANEDIOL 'C2 H6 O2'
#
# COMPACT_ATOMS: atom_id res chain seq x y z
N VAL A 2 -32.65 -16.99 -24.45
CA VAL A 2 -32.35 -17.96 -25.49
C VAL A 2 -30.87 -18.27 -25.42
N GLN A 3 -30.51 -19.53 -25.70
CA GLN A 3 -29.11 -19.87 -25.75
C GLN A 3 -28.85 -20.64 -27.01
N LEU A 4 -27.76 -20.29 -27.65
CA LEU A 4 -27.26 -20.90 -28.84
C LEU A 4 -25.80 -20.97 -28.60
N VAL A 5 -25.29 -22.16 -28.30
CA VAL A 5 -23.88 -22.32 -28.00
C VAL A 5 -23.21 -23.07 -29.09
N GLU A 6 -22.26 -22.43 -29.76
CA GLU A 6 -21.52 -23.08 -30.85
C GLU A 6 -20.29 -23.80 -30.30
N SER A 7 -19.86 -24.84 -31.02
CA SER A 7 -18.66 -25.62 -30.71
C SER A 7 -18.12 -26.36 -31.96
N GLY A 8 -16.95 -26.98 -31.85
CA GLY A 8 -16.35 -27.69 -32.96
C GLY A 8 -15.31 -26.88 -33.73
N GLY A 9 -15.27 -25.57 -33.47
CA GLY A 9 -14.31 -24.70 -34.15
C GLY A 9 -12.89 -24.95 -33.71
N GLY A 10 -11.98 -24.82 -34.64
CA GLY A 10 -10.57 -24.99 -34.37
C GLY A 10 -9.75 -24.97 -35.63
N LEU A 11 -8.51 -25.40 -35.52
CA LEU A 11 -7.62 -25.46 -36.64
C LEU A 11 -7.94 -26.67 -37.53
N VAL A 12 -7.94 -26.47 -38.85
CA VAL A 12 -8.18 -27.50 -39.86
C VAL A 12 -7.27 -27.16 -41.08
N GLN A 13 -6.59 -28.16 -41.67
CA GLN A 13 -5.74 -27.93 -42.83
C GLN A 13 -6.59 -27.67 -44.08
N PRO A 14 -6.13 -26.85 -45.04
CA PRO A 14 -6.89 -26.68 -46.29
C PRO A 14 -7.20 -28.02 -46.99
N GLY A 15 -8.40 -28.15 -47.48
CA GLY A 15 -8.93 -29.38 -48.05
C GLY A 15 -9.58 -30.26 -46.99
N GLY A 16 -9.40 -29.93 -45.70
CA GLY A 16 -9.91 -30.67 -44.56
C GLY A 16 -11.36 -30.46 -44.24
N SER A 17 -11.85 -31.24 -43.29
CA SER A 17 -13.24 -31.24 -42.88
C SER A 17 -13.35 -30.87 -41.42
N LEU A 18 -14.42 -30.18 -41.10
CA LEU A 18 -14.70 -29.83 -39.71
C LEU A 18 -16.18 -29.79 -39.55
N ARG A 19 -16.71 -30.27 -38.41
CA ARG A 19 -18.14 -30.18 -38.16
C ARG A 19 -18.43 -29.25 -36.99
N LEU A 20 -19.26 -28.23 -37.21
CA LEU A 20 -19.66 -27.32 -36.13
C LEU A 20 -20.98 -27.78 -35.58
N SER A 21 -21.23 -27.43 -34.32
CA SER A 21 -22.47 -27.73 -33.64
CA SER A 21 -22.47 -27.74 -33.65
C SER A 21 -23.00 -26.48 -32.98
N CYS A 22 -24.29 -26.38 -32.81
CA CYS A 22 -24.93 -25.28 -32.14
C CYS A 22 -26.04 -25.89 -31.30
N ALA A 23 -25.98 -25.67 -29.99
CA ALA A 23 -26.94 -26.25 -29.08
C ALA A 23 -27.89 -25.21 -28.60
N ALA A 24 -29.18 -25.46 -28.81
CA ALA A 24 -30.22 -24.54 -28.39
C ALA A 24 -30.89 -25.06 -27.13
N SER A 25 -31.36 -24.10 -26.34
CA SER A 25 -32.10 -24.29 -25.10
C SER A 25 -32.89 -23.01 -24.85
N GLY A 26 -33.90 -23.08 -23.98
CA GLY A 26 -34.70 -21.92 -23.64
C GLY A 26 -35.88 -21.63 -24.54
N PHE A 27 -35.98 -22.29 -25.69
CA PHE A 27 -37.09 -22.07 -26.62
C PHE A 27 -37.49 -23.34 -27.39
N THR A 28 -38.65 -23.32 -28.05
CA THR A 28 -39.07 -24.46 -28.86
C THR A 28 -38.32 -24.43 -30.18
N PHE A 29 -37.14 -25.04 -30.18
CA PHE A 29 -36.19 -25.09 -31.30
C PHE A 29 -36.80 -25.55 -32.61
N SER A 30 -37.65 -26.60 -32.52
CA SER A 30 -38.27 -27.28 -33.65
C SER A 30 -39.14 -26.39 -34.55
N TYR A 31 -39.59 -25.24 -34.06
CA TYR A 31 -40.44 -24.32 -34.81
C TYR A 31 -39.66 -23.27 -35.63
N TYR A 32 -38.40 -22.96 -35.27
CA TYR A 32 -37.66 -21.92 -36.00
C TYR A 32 -36.64 -22.38 -37.05
N ASP A 33 -36.47 -21.55 -38.09
CA ASP A 33 -35.40 -21.71 -39.05
C ASP A 33 -34.12 -21.30 -38.31
N ILE A 34 -33.02 -22.02 -38.50
CA ILE A 34 -31.75 -21.69 -37.82
C ILE A 34 -30.66 -21.49 -38.89
N GLN A 35 -29.80 -20.48 -38.67
CA GLN A 35 -28.79 -20.05 -39.63
C GLN A 35 -27.38 -20.15 -39.14
N TRP A 36 -26.43 -20.22 -40.09
CA TRP A 36 -25.00 -20.09 -39.86
C TRP A 36 -24.64 -18.76 -40.59
N VAL A 37 -24.02 -17.85 -39.87
CA VAL A 37 -23.59 -16.52 -40.36
C VAL A 37 -22.13 -16.42 -39.94
N ARG A 38 -21.20 -16.07 -40.87
CA ARG A 38 -19.80 -16.01 -40.51
C ARG A 38 -19.20 -14.61 -40.61
N GLN A 39 -18.13 -14.39 -39.85
CA GLN A 39 -17.45 -13.08 -39.84
C GLN A 39 -15.96 -13.35 -39.91
N ALA A 40 -15.36 -13.08 -41.07
CA ALA A 40 -13.93 -13.21 -41.31
C ALA A 40 -13.19 -12.23 -40.38
N PRO A 41 -11.97 -12.58 -39.95
CA PRO A 41 -11.25 -11.70 -39.00
C PRO A 41 -11.20 -10.22 -39.39
N GLY A 42 -11.73 -9.36 -38.54
CA GLY A 42 -11.79 -7.92 -38.77
C GLY A 42 -12.70 -7.50 -39.92
N LYS A 43 -13.70 -8.31 -40.26
CA LYS A 43 -14.59 -8.00 -41.39
C LYS A 43 -16.08 -8.02 -40.95
N GLY A 44 -16.99 -7.86 -41.90
CA GLY A 44 -18.42 -7.85 -41.59
C GLY A 44 -19.06 -9.23 -41.50
N LEU A 45 -20.37 -9.28 -41.68
CA LEU A 45 -21.19 -10.47 -41.53
C LEU A 45 -21.71 -10.96 -42.83
N GLU A 46 -21.65 -12.27 -43.08
CA GLU A 46 -22.23 -12.84 -44.28
C GLU A 46 -22.97 -14.12 -43.94
N TRP A 47 -24.23 -14.19 -44.38
CA TRP A 47 -25.07 -15.35 -44.15
C TRP A 47 -24.43 -16.55 -44.91
N VAL A 48 -24.48 -17.76 -44.33
CA VAL A 48 -23.76 -18.91 -44.90
C VAL A 48 -24.69 -20.01 -45.30
N SER A 49 -25.64 -20.37 -44.40
CA SER A 49 -26.55 -21.48 -44.62
C SER A 49 -27.77 -21.37 -43.71
N SER A 50 -28.88 -21.97 -44.13
CA SER A 50 -30.13 -21.92 -43.40
C SER A 50 -30.82 -23.30 -43.35
N ILE A 51 -31.71 -23.52 -42.34
CA ILE A 51 -32.42 -24.79 -42.23
C ILE A 51 -33.82 -24.60 -41.65
N SER A 52 -34.82 -25.09 -42.39
CA SER A 52 -36.21 -25.01 -41.97
C SER A 52 -36.44 -25.81 -40.69
N PRO A 53 -37.48 -25.45 -39.91
CA PRO A 53 -37.80 -26.21 -38.69
C PRO A 53 -37.79 -27.74 -38.82
N SER A 54 -38.41 -28.30 -39.88
CA SER A 54 -38.44 -29.74 -40.07
C SER A 54 -37.20 -30.33 -40.76
N GLY A 55 -36.33 -29.49 -41.30
CA GLY A 55 -35.12 -29.94 -41.96
C GLY A 55 -35.25 -30.13 -43.44
N GLN A 56 -36.47 -29.96 -44.01
CA GLN A 56 -36.76 -30.14 -45.44
C GLN A 56 -36.05 -29.10 -46.35
N SER A 57 -36.23 -27.80 -46.04
CA SER A 57 -35.68 -26.68 -46.81
C SER A 57 -34.36 -26.18 -46.24
N THR A 58 -33.30 -26.27 -47.04
CA THR A 58 -31.99 -25.72 -46.72
C THR A 58 -31.52 -24.82 -47.87
N TYR A 59 -30.76 -23.77 -47.52
CA TYR A 59 -30.23 -22.78 -48.47
C TYR A 59 -28.76 -22.52 -48.19
N TYR A 60 -27.91 -22.38 -49.23
CA TYR A 60 -26.46 -22.15 -49.06
C TYR A 60 -25.93 -20.99 -49.87
N ARG A 61 -24.93 -20.31 -49.32
CA ARG A 61 -24.22 -19.20 -49.98
C ARG A 61 -23.46 -19.84 -51.14
N ARG A 62 -23.51 -19.21 -52.34
CA ARG A 62 -22.88 -19.74 -53.55
CA ARG A 62 -22.87 -19.74 -53.56
C ARG A 62 -21.48 -20.34 -53.34
N GLU A 63 -20.55 -19.60 -52.71
CA GLU A 63 -19.19 -20.09 -52.51
C GLU A 63 -19.02 -21.28 -51.54
N VAL A 64 -20.08 -21.71 -50.84
CA VAL A 64 -19.96 -22.87 -49.95
C VAL A 64 -20.77 -24.11 -50.44
N LYS A 65 -21.66 -23.94 -51.45
CA LYS A 65 -22.46 -25.06 -51.96
C LYS A 65 -21.59 -26.24 -52.43
N GLY A 66 -21.99 -27.45 -52.09
CA GLY A 66 -21.21 -28.64 -52.44
C GLY A 66 -20.10 -28.96 -51.43
N ARG A 67 -19.71 -27.97 -50.62
CA ARG A 67 -18.68 -28.18 -49.62
C ARG A 67 -19.30 -28.26 -48.23
N PHE A 68 -20.31 -27.43 -47.94
CA PHE A 68 -20.95 -27.39 -46.64
C PHE A 68 -22.34 -28.05 -46.66
N THR A 69 -22.75 -28.67 -45.53
CA THR A 69 -24.07 -29.30 -45.36
C THR A 69 -24.61 -29.01 -43.98
N ILE A 70 -25.76 -28.35 -43.92
CA ILE A 70 -26.39 -28.03 -42.65
C ILE A 70 -27.34 -29.18 -42.27
N SER A 71 -27.45 -29.48 -40.99
CA SER A 71 -28.32 -30.54 -40.49
C SER A 71 -28.87 -30.21 -39.11
N ARG A 72 -29.94 -30.88 -38.67
CA ARG A 72 -30.49 -30.60 -37.34
C ARG A 72 -31.11 -31.82 -36.69
N ASP A 73 -31.11 -31.82 -35.36
CA ASP A 73 -31.66 -32.87 -34.53
C ASP A 73 -32.65 -32.18 -33.64
N ASN A 74 -33.96 -32.33 -33.92
CA ASN A 74 -34.97 -31.67 -33.10
C ASN A 74 -35.28 -32.38 -31.79
N SER A 75 -34.57 -33.45 -31.45
CA SER A 75 -34.77 -34.08 -30.13
C SER A 75 -33.64 -33.56 -29.23
N LYS A 76 -32.38 -33.47 -29.76
CA LYS A 76 -31.29 -32.86 -28.97
C LYS A 76 -31.33 -31.32 -28.98
N ASN A 77 -32.16 -30.72 -29.86
CA ASN A 77 -32.26 -29.28 -30.04
C ASN A 77 -30.88 -28.77 -30.52
N THR A 78 -30.28 -29.46 -31.50
CA THR A 78 -28.97 -29.13 -32.03
C THR A 78 -28.94 -28.92 -33.55
N LEU A 79 -28.11 -27.98 -34.00
CA LEU A 79 -27.87 -27.60 -35.40
C LEU A 79 -26.42 -27.98 -35.73
N TYR A 80 -26.12 -28.35 -36.98
CA TYR A 80 -24.74 -28.69 -37.37
C TYR A 80 -24.32 -28.05 -38.70
N LEU A 81 -23.00 -27.92 -38.90
CA LEU A 81 -22.49 -27.49 -40.20
C LEU A 81 -21.32 -28.33 -40.53
N GLN A 82 -21.49 -29.34 -41.40
CA GLN A 82 -20.35 -30.15 -41.84
C GLN A 82 -19.71 -29.34 -42.94
N MET A 83 -18.42 -29.01 -42.79
CA MET A 83 -17.72 -28.19 -43.75
C MET A 83 -16.59 -29.01 -44.35
N ASN A 84 -16.66 -29.31 -45.65
CA ASN A 84 -15.61 -30.08 -46.30
C ASN A 84 -14.84 -29.17 -47.27
N SER A 85 -13.72 -29.67 -47.85
CA SER A 85 -12.93 -28.97 -48.86
C SER A 85 -12.62 -27.52 -48.44
N LEU A 86 -12.35 -27.35 -47.14
CA LEU A 86 -12.15 -26.05 -46.51
C LEU A 86 -11.00 -25.27 -47.13
N ARG A 87 -11.21 -23.97 -47.36
CA ARG A 87 -10.15 -23.12 -47.92
C ARG A 87 -9.82 -21.98 -46.96
N ALA A 88 -8.67 -21.29 -47.15
CA ALA A 88 -8.22 -20.20 -46.28
C ALA A 88 -9.29 -19.14 -46.06
N GLU A 89 -10.06 -18.80 -47.11
CA GLU A 89 -11.14 -17.81 -47.08
C GLU A 89 -12.39 -18.25 -46.31
N ASP A 90 -12.43 -19.51 -45.87
CA ASP A 90 -13.51 -19.97 -45.02
C ASP A 90 -13.21 -19.61 -43.56
N THR A 91 -11.93 -19.32 -43.18
CA THR A 91 -11.49 -18.89 -41.84
C THR A 91 -12.36 -17.74 -41.38
N ALA A 92 -13.08 -17.92 -40.26
CA ALA A 92 -14.04 -16.94 -39.73
C ALA A 92 -14.61 -17.40 -38.37
N VAL A 93 -15.26 -16.49 -37.63
CA VAL A 93 -16.02 -16.84 -36.45
C VAL A 93 -17.39 -17.27 -37.05
N TYR A 94 -17.90 -18.46 -36.70
CA TYR A 94 -19.18 -18.91 -37.21
C TYR A 94 -20.21 -18.76 -36.12
N TYR A 95 -21.27 -18.00 -36.40
CA TYR A 95 -22.36 -17.75 -35.49
C TYR A 95 -23.54 -18.56 -35.92
N CYS A 96 -24.22 -19.15 -34.96
CA CYS A 96 -25.49 -19.77 -35.23
C CYS A 96 -26.51 -18.75 -34.74
N ALA A 97 -27.53 -18.52 -35.53
CA ALA A 97 -28.51 -17.50 -35.23
C ALA A 97 -29.90 -17.91 -35.60
N ARG A 98 -30.87 -17.47 -34.84
CA ARG A 98 -32.25 -17.83 -35.06
C ARG A 98 -33.01 -16.84 -35.93
N ARG A 99 -33.75 -17.32 -36.94
CA ARG A 99 -34.56 -16.43 -37.77
C ARG A 99 -35.95 -16.33 -37.14
N THR A 100 -36.50 -15.12 -37.06
CA THR A 100 -37.79 -14.88 -36.41
C THR A 100 -38.93 -15.84 -36.83
N GLY A 101 -39.84 -16.07 -35.89
CA GLY A 101 -40.96 -16.96 -36.13
C GLY A 101 -42.25 -16.21 -36.00
N ARG A 102 -42.52 -15.32 -36.97
CA ARG A 102 -43.76 -14.57 -37.01
C ARG A 102 -44.89 -15.51 -37.43
N GLU A 104 -45.72 -13.60 -41.08
CA GLU A 104 -45.09 -12.52 -41.83
C GLU A 104 -43.76 -12.99 -42.44
N GLY A 105 -43.00 -13.74 -41.67
CA GLY A 105 -41.71 -14.24 -42.10
C GLY A 105 -40.60 -13.26 -41.80
N GLY A 106 -39.97 -12.74 -42.86
CA GLY A 106 -38.86 -11.82 -42.74
C GLY A 106 -37.64 -12.48 -42.14
N TRP A 107 -36.52 -12.52 -42.89
CA TRP A 107 -35.31 -13.16 -42.37
C TRP A 107 -34.56 -12.25 -41.41
N ILE A 108 -35.01 -12.22 -40.15
CA ILE A 108 -34.43 -11.42 -39.07
C ILE A 108 -33.73 -12.34 -38.05
N PHE A 109 -32.40 -12.19 -37.89
CA PHE A 109 -31.60 -12.99 -36.96
C PHE A 109 -31.79 -12.40 -35.56
N ASP A 110 -32.82 -12.85 -34.84
CA ASP A 110 -33.18 -12.26 -33.56
C ASP A 110 -32.29 -12.68 -32.37
N TYR A 111 -31.59 -13.79 -32.46
CA TYR A 111 -30.67 -14.20 -31.39
C TYR A 111 -29.45 -14.86 -31.98
N TRP A 112 -28.27 -14.54 -31.45
CA TRP A 112 -27.04 -15.12 -31.94
C TRP A 112 -26.26 -15.75 -30.81
N GLY A 113 -25.56 -16.85 -31.10
CA GLY A 113 -24.63 -17.41 -30.13
C GLY A 113 -23.33 -16.60 -30.13
N GLN A 114 -22.37 -16.88 -29.20
CA GLN A 114 -21.12 -16.10 -29.16
C GLN A 114 -20.08 -16.52 -30.25
N GLY A 115 -20.42 -17.49 -31.07
CA GLY A 115 -19.62 -17.89 -32.20
C GLY A 115 -18.45 -18.79 -31.90
N THR A 116 -18.01 -19.54 -32.90
CA THR A 116 -16.89 -20.43 -32.77
C THR A 116 -15.90 -20.14 -33.92
N LEU A 117 -14.62 -19.97 -33.60
CA LEU A 117 -13.60 -19.64 -34.61
C LEU A 117 -13.06 -20.88 -35.33
N VAL A 118 -13.06 -20.84 -36.66
CA VAL A 118 -12.54 -21.89 -37.50
C VAL A 118 -11.33 -21.34 -38.22
N THR A 119 -10.16 -21.98 -38.06
CA THR A 119 -8.95 -21.48 -38.72
C THR A 119 -8.47 -22.45 -39.77
N VAL A 120 -8.60 -22.09 -41.02
CA VAL A 120 -8.16 -22.93 -42.12
C VAL A 120 -6.73 -22.57 -42.49
N SER A 121 -5.80 -23.35 -41.95
CA SER A 121 -4.39 -23.12 -42.16
C SER A 121 -3.59 -24.43 -42.11
N SER A 122 -2.40 -24.40 -42.70
CA SER A 122 -1.52 -25.56 -42.69
CA SER A 122 -1.50 -25.54 -42.70
C SER A 122 -0.48 -25.51 -41.56
N ALA A 123 -0.49 -24.46 -40.73
CA ALA A 123 0.44 -24.32 -39.63
C ALA A 123 0.08 -25.30 -38.53
N SER A 124 1.10 -25.80 -37.84
CA SER A 124 0.87 -26.78 -36.79
C SER A 124 0.53 -26.11 -35.45
N THR A 125 -0.36 -26.74 -34.72
CA THR A 125 -0.81 -26.35 -33.39
C THR A 125 0.39 -26.22 -32.44
N LYS A 126 0.43 -25.13 -31.67
CA LYS A 126 1.48 -24.90 -30.71
C LYS A 126 0.95 -24.14 -29.52
N GLY A 127 1.24 -24.64 -28.32
CA GLY A 127 0.85 -24.01 -27.07
C GLY A 127 1.78 -22.88 -26.71
N PRO A 128 1.27 -21.85 -26.03
CA PRO A 128 2.15 -20.71 -25.70
C PRO A 128 3.04 -20.95 -24.50
N SER A 129 4.04 -20.09 -24.38
CA SER A 129 4.89 -19.91 -23.21
C SER A 129 4.31 -18.64 -22.54
N VAL A 130 4.20 -18.66 -21.23
CA VAL A 130 3.62 -17.56 -20.47
C VAL A 130 4.70 -17.00 -19.55
N PHE A 131 5.05 -15.71 -19.71
CA PHE A 131 6.08 -15.08 -18.89
C PHE A 131 5.53 -13.87 -18.11
N PRO A 132 5.99 -13.62 -16.88
CA PRO A 132 5.48 -12.46 -16.14
C PRO A 132 6.01 -11.14 -16.66
N LEU A 133 5.18 -10.11 -16.55
CA LEU A 133 5.55 -8.74 -16.88
C LEU A 133 5.45 -7.96 -15.56
N ALA A 134 6.61 -7.54 -15.02
CA ALA A 134 6.72 -6.78 -13.78
C ALA A 134 7.77 -5.65 -13.93
N PRO A 135 7.68 -4.54 -13.14
CA PRO A 135 8.67 -3.46 -13.29
C PRO A 135 10.08 -3.89 -12.88
N CYS A 136 11.08 -3.19 -13.40
CA CYS A 136 12.49 -3.46 -13.10
C CYS A 136 12.74 -3.33 -11.60
N SER A 137 12.26 -2.24 -11.01
CA SER A 137 12.44 -2.02 -9.58
C SER A 137 11.19 -1.42 -8.89
N ARG A 138 11.24 -1.27 -7.55
CA ARG A 138 10.18 -0.63 -6.77
C ARG A 138 10.23 0.86 -7.12
N SER A 139 9.05 1.49 -7.27
CA SER A 139 9.00 2.87 -7.71
C SER A 139 9.25 3.92 -6.62
N THR A 140 8.53 3.83 -5.48
CA THR A 140 8.57 4.73 -4.30
C THR A 140 7.82 6.07 -4.48
N SER A 141 7.28 6.37 -5.68
CA SER A 141 6.58 7.64 -5.91
C SER A 141 5.18 7.51 -6.48
N GLU A 142 4.91 6.48 -7.30
CA GLU A 142 3.57 6.29 -7.91
C GLU A 142 2.62 5.43 -7.07
N SER A 143 1.31 5.75 -7.11
CA SER A 143 0.26 5.08 -6.32
C SER A 143 -0.41 3.89 -7.02
N THR A 144 -0.21 3.76 -8.34
CA THR A 144 -0.79 2.67 -9.13
C THR A 144 0.34 1.90 -9.78
N ALA A 145 0.22 0.57 -9.82
CA ALA A 145 1.25 -0.25 -10.45
C ALA A 145 0.66 -1.09 -11.57
N ALA A 146 1.49 -1.48 -12.56
CA ALA A 146 1.02 -2.34 -13.62
C ALA A 146 1.79 -3.64 -13.59
N LEU A 147 1.07 -4.69 -13.87
CA LEU A 147 1.55 -6.06 -13.94
C LEU A 147 0.92 -6.70 -15.14
N GLY A 148 1.53 -7.77 -15.65
CA GLY A 148 0.99 -8.46 -16.80
C GLY A 148 1.57 -9.81 -17.05
N CYS A 149 1.20 -10.39 -18.17
CA CYS A 149 1.71 -11.64 -18.63
C CYS A 149 1.87 -11.53 -20.09
N LEU A 150 3.01 -11.99 -20.59
CA LEU A 150 3.24 -12.07 -22.02
C LEU A 150 2.83 -13.52 -22.45
N VAL A 151 1.92 -13.66 -23.41
CA VAL A 151 1.48 -14.95 -23.97
C VAL A 151 2.12 -15.09 -25.39
N LYS A 152 3.26 -15.77 -25.46
CA LYS A 152 4.17 -15.84 -26.60
C LYS A 152 4.11 -17.05 -27.55
N ASP A 153 4.33 -16.80 -28.83
CA ASP A 153 4.47 -17.80 -29.88
C ASP A 153 3.48 -18.98 -29.80
N TYR A 154 2.23 -18.75 -30.17
CA TYR A 154 1.21 -19.78 -30.12
C TYR A 154 0.41 -19.86 -31.44
N PHE A 155 -0.33 -20.93 -31.63
CA PHE A 155 -1.13 -21.12 -32.83
C PHE A 155 -2.10 -22.28 -32.62
N PRO A 156 -3.33 -22.15 -33.10
CA PRO A 156 -3.94 -20.94 -33.69
C PRO A 156 -4.61 -20.10 -32.59
N GLU A 157 -5.31 -19.05 -33.00
CA GLU A 157 -6.15 -18.29 -32.10
C GLU A 157 -7.38 -19.16 -31.84
N PRO A 158 -8.05 -19.03 -30.68
CA PRO A 158 -7.83 -18.02 -29.64
C PRO A 158 -7.27 -18.56 -28.34
N VAL A 159 -6.77 -17.64 -27.52
CA VAL A 159 -6.38 -17.93 -26.15
C VAL A 159 -7.27 -17.05 -25.26
N THR A 160 -7.55 -17.49 -24.04
CA THR A 160 -8.32 -16.68 -23.12
C THR A 160 -7.44 -16.42 -21.94
N VAL A 161 -7.47 -15.19 -21.44
CA VAL A 161 -6.70 -14.82 -20.28
C VAL A 161 -7.66 -14.25 -19.25
N SER A 162 -7.49 -14.65 -18.01
CA SER A 162 -8.22 -14.10 -16.90
C SER A 162 -7.18 -13.90 -15.78
N TRP A 163 -7.54 -13.12 -14.77
CA TRP A 163 -6.66 -12.82 -13.65
C TRP A 163 -7.34 -13.30 -12.40
N ASN A 164 -6.59 -13.97 -11.51
CA ASN A 164 -7.07 -14.53 -10.25
C ASN A 164 -8.38 -15.33 -10.43
N SER A 165 -8.41 -16.19 -11.45
CA SER A 165 -9.54 -17.06 -11.81
C SER A 165 -10.84 -16.33 -12.15
N GLY A 166 -10.74 -15.07 -12.53
CA GLY A 166 -11.91 -14.27 -12.83
C GLY A 166 -12.35 -13.36 -11.70
N ALA A 167 -11.68 -13.43 -10.53
CA ALA A 167 -11.98 -12.56 -9.40
C ALA A 167 -11.42 -11.13 -9.62
N LEU A 168 -10.46 -10.97 -10.57
CA LEU A 168 -9.90 -9.68 -10.96
C LEU A 168 -10.21 -9.41 -12.40
N THR A 169 -11.19 -8.54 -12.68
CA THR A 169 -11.56 -8.12 -14.03
C THR A 169 -11.29 -6.60 -14.20
N SER A 170 -11.47 -5.83 -13.10
CA SER A 170 -11.25 -4.38 -13.05
C SER A 170 -9.85 -3.99 -13.44
N GLY A 171 -9.73 -3.21 -14.50
CA GLY A 171 -8.44 -2.70 -14.94
C GLY A 171 -7.64 -3.66 -15.81
N VAL A 172 -8.23 -4.80 -16.18
CA VAL A 172 -7.56 -5.78 -17.01
C VAL A 172 -7.66 -5.32 -18.48
N HIS A 173 -6.59 -5.48 -19.25
CA HIS A 173 -6.58 -5.22 -20.67
C HIS A 173 -5.83 -6.37 -21.30
N THR A 174 -6.54 -7.24 -22.04
CA THR A 174 -5.89 -8.32 -22.79
C THR A 174 -5.85 -7.86 -24.20
N PHE A 175 -4.66 -7.58 -24.69
CA PHE A 175 -4.48 -7.04 -26.02
C PHE A 175 -4.74 -8.02 -27.12
N PRO A 176 -5.22 -7.51 -28.28
CA PRO A 176 -5.33 -8.36 -29.46
C PRO A 176 -3.97 -8.94 -29.85
N ALA A 177 -3.95 -10.24 -30.14
CA ALA A 177 -2.71 -10.90 -30.53
C ALA A 177 -2.18 -10.36 -31.84
N VAL A 178 -0.85 -10.45 -32.03
CA VAL A 178 -0.15 -10.05 -33.26
C VAL A 178 0.44 -11.31 -33.90
N LEU A 179 0.16 -11.53 -35.19
CA LEU A 179 0.72 -12.66 -35.92
C LEU A 179 2.06 -12.22 -36.51
N LYS A 180 3.17 -12.70 -35.96
CA LYS A 180 4.50 -12.29 -36.44
C LYS A 180 4.89 -12.99 -37.75
N SER A 181 5.97 -12.53 -38.40
CA SER A 181 6.45 -13.12 -39.65
C SER A 181 6.76 -14.64 -39.54
N SER A 182 6.93 -15.14 -38.31
CA SER A 182 7.20 -16.55 -38.06
C SER A 182 5.96 -17.47 -38.13
N GLY A 183 4.77 -16.90 -38.31
CA GLY A 183 3.54 -17.69 -38.39
C GLY A 183 2.87 -17.99 -37.05
N LEU A 184 3.38 -17.38 -35.97
CA LEU A 184 2.91 -17.58 -34.60
C LEU A 184 2.38 -16.27 -34.00
N TYR A 185 1.47 -16.40 -33.05
CA TYR A 185 0.81 -15.30 -32.38
C TYR A 185 1.41 -15.02 -31.03
N SER A 186 1.38 -13.76 -30.63
CA SER A 186 1.78 -13.34 -29.33
C SER A 186 0.83 -12.24 -28.85
N LEU A 187 0.62 -12.18 -27.56
CA LEU A 187 -0.20 -11.14 -26.95
C LEU A 187 0.23 -10.87 -25.49
N SER A 188 -0.23 -9.74 -24.93
CA SER A 188 -0.02 -9.38 -23.54
C SER A 188 -1.38 -9.16 -22.90
N SER A 189 -1.47 -9.48 -21.62
CA SER A 189 -2.61 -9.19 -20.78
C SER A 189 -2.00 -8.42 -19.62
N VAL A 190 -2.52 -7.23 -19.32
CA VAL A 190 -2.03 -6.43 -18.22
C VAL A 190 -3.17 -6.05 -17.30
N VAL A 191 -2.82 -5.63 -16.09
CA VAL A 191 -3.80 -5.14 -15.13
C VAL A 191 -3.17 -4.04 -14.32
N THR A 192 -3.96 -3.02 -13.92
CA THR A 192 -3.48 -2.00 -13.01
C THR A 192 -4.15 -2.20 -11.67
N VAL A 193 -3.34 -2.18 -10.61
CA VAL A 193 -3.77 -2.39 -9.23
C VAL A 193 -3.15 -1.34 -8.31
N PRO A 194 -3.70 -1.12 -7.09
CA PRO A 194 -3.05 -0.16 -6.18
C PRO A 194 -1.67 -0.69 -5.82
N SER A 195 -0.69 0.20 -5.89
CA SER A 195 0.67 -0.14 -5.54
C SER A 195 0.79 -0.67 -4.09
N SER A 196 -0.12 -0.25 -3.20
CA SER A 196 -0.13 -0.70 -1.82
C SER A 196 -0.53 -2.19 -1.67
N SER A 197 -1.09 -2.81 -2.73
CA SER A 197 -1.50 -4.20 -2.66
CA SER A 197 -1.49 -4.21 -2.64
C SER A 197 -0.45 -5.19 -3.18
N LEU A 198 0.67 -4.69 -3.74
CA LEU A 198 1.73 -5.52 -4.32
C LEU A 198 2.36 -6.56 -3.38
N GLY A 199 2.37 -6.29 -2.08
CA GLY A 199 2.97 -7.24 -1.13
C GLY A 199 1.98 -8.03 -0.31
N THR A 200 0.69 -7.89 -0.59
CA THR A 200 -0.39 -8.54 0.13
C THR A 200 -1.26 -9.40 -0.80
N GLN A 201 -1.69 -8.84 -1.94
CA GLN A 201 -2.51 -9.57 -2.89
C GLN A 201 -1.64 -10.27 -3.91
N THR A 202 -2.02 -11.49 -4.26
CA THR A 202 -1.31 -12.29 -5.22
C THR A 202 -1.95 -12.03 -6.62
N TYR A 203 -1.15 -12.01 -7.69
CA TYR A 203 -1.65 -11.74 -9.03
C TYR A 203 -1.25 -12.87 -9.95
N THR A 204 -2.25 -13.63 -10.41
CA THR A 204 -1.99 -14.79 -11.22
C THR A 204 -2.72 -14.68 -12.51
N CYS A 205 -2.01 -14.76 -13.65
CA CYS A 205 -2.71 -14.76 -14.92
C CYS A 205 -2.99 -16.22 -15.28
N ASN A 206 -4.22 -16.52 -15.70
CA ASN A 206 -4.65 -17.85 -16.11
C ASN A 206 -4.74 -17.85 -17.62
N VAL A 207 -3.93 -18.67 -18.28
CA VAL A 207 -3.90 -18.71 -19.72
C VAL A 207 -4.41 -20.07 -20.21
N ASP A 208 -5.40 -20.03 -21.10
CA ASP A 208 -5.92 -21.26 -21.66
C ASP A 208 -5.82 -21.23 -23.17
N HIS A 209 -5.18 -22.25 -23.73
CA HIS A 209 -5.07 -22.37 -25.17
C HIS A 209 -5.66 -23.74 -25.55
N LYS A 210 -7.01 -23.78 -25.68
CA LYS A 210 -7.81 -24.96 -25.99
C LYS A 210 -7.33 -25.82 -27.15
N PRO A 211 -6.82 -25.30 -28.30
CA PRO A 211 -6.39 -26.20 -29.38
C PRO A 211 -5.21 -27.09 -29.02
N SER A 212 -4.29 -26.58 -28.19
CA SER A 212 -3.14 -27.37 -27.77
C SER A 212 -3.30 -27.97 -26.38
N ASN A 213 -4.50 -27.86 -25.77
CA ASN A 213 -4.82 -28.27 -24.42
C ASN A 213 -3.79 -27.75 -23.42
N THR A 214 -3.54 -26.44 -23.46
CA THR A 214 -2.56 -25.82 -22.57
C THR A 214 -3.30 -24.98 -21.55
N LYS A 215 -2.90 -25.12 -20.30
CA LYS A 215 -3.45 -24.40 -19.16
C LYS A 215 -2.28 -23.99 -18.31
N VAL A 216 -2.05 -22.69 -18.18
CA VAL A 216 -0.92 -22.18 -17.41
C VAL A 216 -1.38 -21.13 -16.40
N ASP A 217 -1.02 -21.28 -15.13
CA ASP A 217 -1.34 -20.28 -14.10
C ASP A 217 0.02 -19.67 -13.76
N LYS A 218 0.20 -18.39 -14.04
CA LYS A 218 1.50 -17.74 -13.82
C LYS A 218 1.41 -16.67 -12.77
N ARG A 219 2.19 -16.87 -11.69
CA ARG A 219 2.28 -15.93 -10.58
C ARG A 219 3.10 -14.73 -11.05
N VAL A 220 2.60 -13.53 -10.85
CA VAL A 220 3.27 -12.30 -11.27
C VAL A 220 3.72 -11.43 -10.10
N GLU A 221 5.06 -11.26 -10.00
CA GLU A 221 5.80 -10.45 -9.04
C GLU A 221 6.44 -11.34 -8.00
N GLU B 1 -29.24 -8.91 -56.73
CA GLU B 1 -28.50 -8.98 -55.47
C GLU B 1 -28.41 -7.59 -54.83
N ILE B 2 -28.94 -7.46 -53.62
CA ILE B 2 -29.01 -6.18 -52.95
C ILE B 2 -27.80 -5.92 -52.08
N VAL B 3 -27.04 -4.89 -52.43
CA VAL B 3 -25.85 -4.54 -51.68
C VAL B 3 -26.20 -3.37 -50.74
N LEU B 4 -25.72 -3.43 -49.50
CA LEU B 4 -25.94 -2.38 -48.51
C LEU B 4 -24.64 -1.60 -48.30
N THR B 5 -24.70 -0.28 -48.31
CA THR B 5 -23.50 0.55 -48.10
C THR B 5 -23.72 1.37 -46.87
N GLN B 6 -22.83 1.26 -45.89
CA GLN B 6 -22.83 2.07 -44.67
C GLN B 6 -21.65 3.05 -44.76
N SER B 7 -21.92 4.28 -45.16
CA SER B 7 -20.87 5.30 -45.30
C SER B 7 -21.35 6.56 -44.62
N PRO B 8 -20.58 7.12 -43.67
CA PRO B 8 -19.23 6.76 -43.20
C PRO B 8 -19.12 5.49 -42.38
N ALA B 9 -17.97 4.81 -42.53
CA ALA B 9 -17.73 3.58 -41.79
C ALA B 9 -17.21 3.81 -40.36
N THR B 10 -16.92 5.06 -40.00
CA THR B 10 -16.47 5.45 -38.66
C THR B 10 -17.17 6.76 -38.27
N LEU B 11 -17.60 6.86 -36.99
CA LEU B 11 -18.15 8.08 -36.41
C LEU B 11 -17.49 8.27 -35.05
N SER B 12 -17.32 9.51 -34.64
CA SER B 12 -16.76 9.86 -33.33
C SER B 12 -17.70 10.91 -32.74
N VAL B 13 -18.50 10.51 -31.74
CA VAL B 13 -19.52 11.37 -31.14
C VAL B 13 -19.38 11.42 -29.64
N SER B 14 -19.46 12.62 -29.06
CA SER B 14 -19.26 12.83 -27.65
C SER B 14 -20.37 12.23 -26.82
N PRO B 15 -20.09 11.83 -25.55
CA PRO B 15 -21.18 11.32 -24.68
C PRO B 15 -22.30 12.36 -24.53
N GLY B 16 -23.54 11.88 -24.51
CA GLY B 16 -24.70 12.73 -24.39
C GLY B 16 -25.17 13.34 -25.69
N GLU B 17 -24.38 13.19 -26.79
CA GLU B 17 -24.69 13.80 -28.09
C GLU B 17 -25.32 12.81 -29.07
N ARG B 18 -25.66 13.27 -30.29
CA ARG B 18 -26.37 12.44 -31.25
C ARG B 18 -25.50 11.85 -32.31
N ALA B 19 -25.59 10.53 -32.52
CA ALA B 19 -24.88 9.88 -33.58
C ALA B 19 -25.93 9.48 -34.64
N THR B 20 -25.65 9.80 -35.90
CA THR B 20 -26.57 9.50 -36.98
C THR B 20 -25.83 8.60 -37.95
N LEU B 21 -26.32 7.40 -38.19
CA LEU B 21 -25.67 6.43 -39.02
C LEU B 21 -26.49 6.20 -40.29
N SER B 22 -25.81 6.01 -41.41
CA SER B 22 -26.47 5.81 -42.69
CA SER B 22 -26.43 5.82 -42.73
C SER B 22 -26.31 4.40 -43.26
N CYS B 23 -27.28 3.97 -44.03
CA CYS B 23 -27.30 2.68 -44.70
C CYS B 23 -28.09 2.87 -46.00
N ARG B 24 -27.48 2.56 -47.14
CA ARG B 24 -28.14 2.73 -48.43
C ARG B 24 -28.18 1.42 -49.14
N ALA B 25 -29.29 1.13 -49.81
CA ALA B 25 -29.44 -0.12 -50.54
C ALA B 25 -29.39 0.16 -52.03
N SER B 26 -28.76 -0.76 -52.78
CA SER B 26 -28.59 -0.69 -54.22
C SER B 26 -29.93 -0.71 -54.97
N ARG B 27 -30.97 -1.35 -54.37
CA ARG B 27 -32.37 -1.47 -54.84
C ARG B 27 -33.28 -1.20 -53.64
N SER B 28 -34.56 -0.85 -53.92
CA SER B 28 -35.52 -0.66 -52.84
C SER B 28 -35.76 -1.96 -52.11
N VAL B 29 -35.64 -1.90 -50.78
CA VAL B 29 -35.99 -3.01 -49.88
C VAL B 29 -37.24 -2.63 -49.07
N ARG B 30 -38.02 -1.58 -49.49
CA ARG B 30 -39.22 -1.07 -48.85
C ARG B 30 -38.85 -0.74 -47.39
N ARG B 31 -39.53 -1.28 -46.36
CA ARG B 31 -39.10 -1.08 -44.98
C ARG B 31 -38.62 -2.41 -44.38
N GLU B 32 -38.19 -3.38 -45.21
CA GLU B 32 -37.69 -4.65 -44.73
CA GLU B 32 -37.69 -4.64 -44.72
C GLU B 32 -36.20 -4.49 -44.41
N LEU B 33 -35.89 -3.75 -43.33
CA LEU B 33 -34.52 -3.50 -42.94
C LEU B 33 -34.31 -3.55 -41.41
N ALA B 34 -33.28 -4.26 -40.95
CA ALA B 34 -32.94 -4.40 -39.53
C ALA B 34 -31.62 -3.72 -39.17
N TRP B 35 -31.48 -3.29 -37.93
CA TRP B 35 -30.23 -2.70 -37.42
C TRP B 35 -29.73 -3.57 -36.27
N TYR B 36 -28.42 -3.90 -36.25
CA TYR B 36 -27.79 -4.71 -35.23
C TYR B 36 -26.60 -3.98 -34.58
N GLN B 37 -26.40 -4.24 -33.29
CA GLN B 37 -25.27 -3.68 -32.56
C GLN B 37 -24.29 -4.83 -32.27
N GLN B 38 -22.99 -4.64 -32.57
CA GLN B 38 -22.02 -5.66 -32.26
C GLN B 38 -20.86 -5.08 -31.47
N LYS B 39 -20.84 -5.35 -30.14
CA LYS B 39 -19.72 -4.88 -29.30
C LYS B 39 -18.53 -5.81 -29.53
N PRO B 40 -17.30 -5.33 -29.31
CA PRO B 40 -16.12 -6.18 -29.57
C PRO B 40 -16.12 -7.46 -28.74
N GLY B 41 -15.71 -8.56 -29.36
CA GLY B 41 -15.70 -9.87 -28.74
C GLY B 41 -17.07 -10.51 -28.64
N GLN B 42 -18.12 -9.80 -29.06
CA GLN B 42 -19.49 -10.27 -28.92
C GLN B 42 -20.21 -10.49 -30.26
N ALA B 43 -21.38 -11.09 -30.18
CA ALA B 43 -22.23 -11.34 -31.33
C ALA B 43 -23.15 -10.16 -31.53
N PRO B 44 -23.70 -10.01 -32.74
CA PRO B 44 -24.65 -8.93 -32.96
C PRO B 44 -25.92 -9.09 -32.13
N GLU B 45 -26.53 -7.99 -31.86
CA GLU B 45 -27.73 -7.91 -31.07
C GLU B 45 -28.73 -7.08 -31.84
N LEU B 46 -29.96 -7.57 -31.97
CA LEU B 46 -30.98 -6.88 -32.73
C LEU B 46 -31.49 -5.62 -32.04
N LEU B 47 -31.40 -4.49 -32.73
CA LEU B 47 -31.85 -3.20 -32.18
C LEU B 47 -33.20 -2.78 -32.76
N ILE B 48 -33.30 -2.78 -34.09
CA ILE B 48 -34.47 -2.33 -34.85
C ILE B 48 -34.77 -3.34 -35.95
N TYR B 49 -36.03 -3.49 -36.32
CA TYR B 49 -36.49 -4.30 -37.45
C TYR B 49 -37.63 -3.50 -38.12
N GLY B 50 -38.00 -3.82 -39.35
CA GLY B 50 -39.04 -3.06 -40.05
C GLY B 50 -38.68 -1.58 -40.20
N ALA B 51 -37.35 -1.30 -40.26
CA ALA B 51 -36.67 -0.01 -40.42
C ALA B 51 -36.88 1.00 -39.29
N SER B 52 -38.04 0.97 -38.63
CA SER B 52 -38.41 1.90 -37.57
C SER B 52 -38.84 1.24 -36.26
N THR B 53 -38.99 -0.10 -36.21
CA THR B 53 -39.51 -0.74 -35.00
C THR B 53 -38.42 -1.27 -34.02
N ARG B 54 -38.40 -0.75 -32.79
CA ARG B 54 -37.44 -1.18 -31.77
C ARG B 54 -37.72 -2.57 -31.25
N GLU B 55 -36.67 -3.37 -31.08
CA GLU B 55 -36.80 -4.70 -30.52
C GLU B 55 -37.01 -4.55 -28.99
N THR B 56 -37.90 -5.37 -28.39
CA THR B 56 -38.15 -5.33 -26.95
C THR B 56 -36.85 -5.46 -26.12
N GLY B 57 -36.65 -4.54 -25.21
CA GLY B 57 -35.44 -4.48 -24.40
C GLY B 57 -34.53 -3.33 -24.78
N ILE B 58 -34.62 -2.84 -26.04
CA ILE B 58 -33.76 -1.79 -26.55
C ILE B 58 -34.14 -0.35 -26.11
N PRO B 59 -33.16 0.39 -25.56
CA PRO B 59 -33.43 1.75 -25.08
C PRO B 59 -33.98 2.70 -26.13
N ALA B 60 -34.91 3.58 -25.71
CA ALA B 60 -35.57 4.59 -26.55
C ALA B 60 -34.59 5.50 -27.27
N ARG B 61 -33.33 5.59 -26.78
CA ARG B 61 -32.36 6.44 -27.45
C ARG B 61 -32.00 5.88 -28.84
N PHE B 62 -32.19 4.57 -29.08
CA PHE B 62 -31.94 3.92 -30.37
C PHE B 62 -33.17 4.01 -31.25
N SER B 63 -33.11 4.82 -32.29
CA SER B 63 -34.23 4.97 -33.22
C SER B 63 -33.84 4.67 -34.68
N GLY B 64 -34.78 4.20 -35.46
CA GLY B 64 -34.58 3.91 -36.87
C GLY B 64 -35.53 4.71 -37.73
N SER B 65 -35.15 4.98 -38.98
CA SER B 65 -36.00 5.73 -39.91
C SER B 65 -35.62 5.45 -41.39
N GLY B 66 -36.49 5.83 -42.31
CA GLY B 66 -36.26 5.63 -43.72
C GLY B 66 -37.13 4.58 -44.39
N SER B 67 -37.11 4.58 -45.72
CA SER B 67 -37.84 3.64 -46.57
C SER B 67 -37.12 3.48 -47.92
N GLY B 68 -37.45 2.41 -48.63
CA GLY B 68 -36.92 2.09 -49.93
C GLY B 68 -35.42 1.87 -50.02
N THR B 69 -34.66 2.93 -50.32
CA THR B 69 -33.21 2.79 -50.50
C THR B 69 -32.38 3.49 -49.41
N ASP B 70 -32.95 4.48 -48.72
CA ASP B 70 -32.21 5.30 -47.77
C ASP B 70 -32.69 5.12 -46.32
N PHE B 71 -31.76 4.75 -45.39
CA PHE B 71 -32.12 4.52 -43.98
C PHE B 71 -31.14 5.15 -43.01
N THR B 72 -31.66 5.50 -41.84
CA THR B 72 -30.83 6.11 -40.82
C THR B 72 -31.08 5.47 -39.47
N LEU B 73 -30.02 5.22 -38.72
CA LEU B 73 -30.13 4.78 -37.33
C LEU B 73 -29.64 5.94 -36.49
N THR B 74 -30.49 6.54 -35.67
CA THR B 74 -30.10 7.62 -34.80
C THR B 74 -29.93 7.10 -33.37
N ILE B 75 -28.82 7.48 -32.72
CA ILE B 75 -28.53 7.13 -31.35
C ILE B 75 -28.46 8.44 -30.60
N ASN B 76 -29.52 8.74 -29.88
CA ASN B 76 -29.58 9.97 -29.10
C ASN B 76 -28.90 9.78 -27.76
N SER B 77 -28.42 10.86 -27.15
CA SER B 77 -27.84 10.78 -25.79
C SER B 77 -26.83 9.63 -25.63
N LEU B 78 -25.82 9.61 -26.53
CA LEU B 78 -24.82 8.55 -26.62
C LEU B 78 -24.21 8.18 -25.29
N GLU B 79 -24.14 6.88 -25.00
CA GLU B 79 -23.55 6.38 -23.75
C GLU B 79 -22.21 5.70 -24.00
N ALA B 80 -21.40 5.51 -22.95
CA ALA B 80 -20.09 4.85 -23.10
C ALA B 80 -20.25 3.42 -23.68
N GLU B 81 -21.27 2.71 -23.21
CA GLU B 81 -21.55 1.33 -23.58
C GLU B 81 -22.11 1.17 -24.99
N ASP B 82 -22.36 2.27 -25.70
CA ASP B 82 -22.77 2.22 -27.10
C ASP B 82 -21.60 2.05 -28.07
N ALA B 83 -20.36 1.97 -27.57
CA ALA B 83 -19.14 1.77 -28.36
C ALA B 83 -19.24 0.38 -28.94
N ALA B 84 -19.45 0.31 -30.28
CA ALA B 84 -19.69 -0.93 -31.01
C ALA B 84 -19.71 -0.62 -32.55
N THR B 85 -19.78 -1.67 -33.36
CA THR B 85 -19.96 -1.56 -34.79
C THR B 85 -21.42 -1.92 -35.08
N TYR B 86 -22.11 -1.12 -35.85
CA TYR B 86 -23.53 -1.25 -36.12
C TYR B 86 -23.72 -1.70 -37.53
N TYR B 87 -24.57 -2.70 -37.73
CA TYR B 87 -24.78 -3.26 -39.05
C TYR B 87 -26.21 -3.17 -39.49
N CYS B 88 -26.42 -2.82 -40.75
CA CYS B 88 -27.76 -2.88 -41.32
C CYS B 88 -27.92 -4.17 -42.10
N GLN B 89 -29.14 -4.65 -42.17
CA GLN B 89 -29.45 -5.90 -42.85
C GLN B 89 -30.79 -5.71 -43.53
N GLN B 90 -30.90 -6.06 -44.79
CA GLN B 90 -32.19 -6.02 -45.48
C GLN B 90 -32.66 -7.48 -45.59
N TYR B 91 -33.97 -7.66 -45.61
CA TYR B 91 -34.58 -8.97 -45.79
C TYR B 91 -35.70 -8.92 -46.84
N ARG B 92 -35.56 -8.04 -47.86
CA ARG B 92 -36.50 -7.96 -49.00
C ARG B 92 -36.41 -9.26 -49.75
N ASP B 93 -35.17 -9.68 -50.07
CA ASP B 93 -34.86 -10.94 -50.69
C ASP B 93 -34.27 -11.85 -49.63
N PRO B 94 -34.93 -12.98 -49.36
CA PRO B 94 -34.37 -13.95 -48.41
C PRO B 94 -33.04 -14.49 -48.89
N PRO B 95 -32.10 -14.77 -47.98
CA PRO B 95 -32.14 -14.56 -46.52
C PRO B 95 -31.59 -13.20 -46.08
N GLY B 96 -31.20 -12.36 -47.03
CA GLY B 96 -30.70 -11.02 -46.72
C GLY B 96 -29.21 -10.84 -46.84
N THR B 97 -28.82 -9.57 -46.93
CA THR B 97 -27.44 -9.15 -47.02
C THR B 97 -27.20 -8.09 -45.95
N PHE B 98 -25.97 -8.02 -45.46
CA PHE B 98 -25.60 -7.06 -44.45
C PHE B 98 -24.74 -5.93 -45.04
N GLY B 99 -24.75 -4.76 -44.42
CA GLY B 99 -23.86 -3.67 -44.79
C GLY B 99 -22.48 -3.94 -44.21
N GLY B 100 -21.50 -3.11 -44.55
CA GLY B 100 -20.13 -3.31 -44.07
C GLY B 100 -19.85 -2.85 -42.64
N GLY B 101 -20.81 -2.16 -42.04
CA GLY B 101 -20.72 -1.69 -40.67
C GLY B 101 -20.21 -0.26 -40.48
N THR B 102 -20.66 0.40 -39.42
CA THR B 102 -20.17 1.71 -39.02
C THR B 102 -19.78 1.56 -37.56
N LYS B 103 -18.53 1.88 -37.25
CA LYS B 103 -18.04 1.79 -35.89
C LYS B 103 -18.29 3.12 -35.26
N VAL B 104 -18.96 3.13 -34.11
CA VAL B 104 -19.20 4.36 -33.38
C VAL B 104 -18.21 4.47 -32.25
N GLU B 105 -17.40 5.52 -32.24
CA GLU B 105 -16.43 5.80 -31.21
C GLU B 105 -17.00 6.91 -30.32
N ILE B 106 -16.85 6.75 -29.01
CA ILE B 106 -17.29 7.75 -28.05
C ILE B 106 -16.19 8.76 -27.82
N LYS B 107 -16.42 9.99 -28.27
CA LYS B 107 -15.46 11.07 -28.14
C LYS B 107 -15.49 11.71 -26.77
N ARG B 108 -14.97 10.99 -25.77
CA ARG B 108 -14.86 11.49 -24.41
C ARG B 108 -13.77 12.60 -24.24
N THR B 109 -13.60 13.16 -23.01
CA THR B 109 -12.55 14.16 -22.77
C THR B 109 -11.15 13.54 -22.95
N VAL B 110 -10.15 14.37 -23.25
CA VAL B 110 -8.78 13.92 -23.37
C VAL B 110 -8.29 13.27 -22.05
N ALA B 111 -7.63 12.12 -22.19
CA ALA B 111 -7.07 11.37 -21.09
C ALA B 111 -5.65 10.99 -21.49
N ALA B 112 -4.66 11.49 -20.74
CA ALA B 112 -3.26 11.19 -20.97
C ALA B 112 -3.01 9.75 -20.53
N PRO B 113 -2.11 9.03 -21.21
CA PRO B 113 -1.81 7.66 -20.78
C PRO B 113 -0.96 7.64 -19.53
N SER B 114 -1.04 6.53 -18.84
CA SER B 114 -0.16 6.17 -17.72
C SER B 114 0.78 5.22 -18.39
N VAL B 115 2.08 5.50 -18.36
CA VAL B 115 3.07 4.69 -19.05
C VAL B 115 3.84 3.78 -18.08
N PHE B 116 3.97 2.51 -18.44
CA PHE B 116 4.74 1.57 -17.64
C PHE B 116 5.72 0.85 -18.59
N ILE B 117 6.92 0.55 -18.13
CA ILE B 117 7.89 -0.19 -18.94
C ILE B 117 8.17 -1.51 -18.19
N PHE B 118 8.29 -2.59 -18.95
CA PHE B 118 8.53 -3.91 -18.41
C PHE B 118 9.74 -4.55 -19.05
N PRO B 119 10.80 -4.77 -18.27
CA PRO B 119 11.93 -5.53 -18.80
C PRO B 119 11.50 -7.01 -18.98
N PRO B 120 12.26 -7.79 -19.77
CA PRO B 120 11.94 -9.20 -19.89
C PRO B 120 12.18 -9.90 -18.55
N SER B 121 11.26 -10.80 -18.17
CA SER B 121 11.42 -11.55 -16.93
C SER B 121 12.68 -12.44 -16.96
N ASP B 122 13.17 -12.89 -15.80
CA ASP B 122 14.31 -13.82 -15.75
C ASP B 122 13.91 -15.14 -16.45
N GLU B 123 12.64 -15.58 -16.28
CA GLU B 123 12.14 -16.80 -16.91
C GLU B 123 12.10 -16.69 -18.44
N GLN B 124 12.02 -15.46 -19.00
CA GLN B 124 12.05 -15.29 -20.44
C GLN B 124 13.49 -15.38 -20.91
N LEU B 125 14.42 -14.71 -20.23
CA LEU B 125 15.84 -14.80 -20.60
C LEU B 125 16.33 -16.27 -20.54
N LYS B 126 15.89 -17.01 -19.51
CA LYS B 126 16.23 -18.43 -19.41
C LYS B 126 15.67 -19.26 -20.58
N SER B 127 14.61 -18.78 -21.24
CA SER B 127 14.05 -19.45 -22.42
C SER B 127 14.85 -19.19 -23.71
N GLY B 128 15.71 -18.18 -23.70
CA GLY B 128 16.53 -17.83 -24.84
C GLY B 128 16.12 -16.59 -25.58
N THR B 129 15.03 -15.92 -25.14
CA THR B 129 14.56 -14.72 -25.84
C THR B 129 14.42 -13.51 -24.91
N ALA B 130 14.30 -12.34 -25.51
CA ALA B 130 14.10 -11.10 -24.81
C ALA B 130 13.25 -10.20 -25.70
N GLU B 131 12.46 -9.39 -25.02
CA GLU B 131 11.66 -8.33 -25.58
C GLU B 131 11.30 -7.40 -24.43
N VAL B 132 11.19 -6.11 -24.74
CA VAL B 132 10.80 -5.14 -23.70
CA VAL B 132 10.85 -5.06 -23.76
C VAL B 132 9.46 -4.53 -24.10
N VAL B 133 8.58 -4.39 -23.09
CA VAL B 133 7.22 -3.93 -23.29
C VAL B 133 6.92 -2.58 -22.64
N CYS B 134 6.29 -1.71 -23.42
CA CYS B 134 5.89 -0.40 -22.96
C CYS B 134 4.35 -0.39 -23.01
N LEU B 135 3.73 -0.19 -21.88
CA LEU B 135 2.29 -0.15 -21.73
C LEU B 135 1.82 1.31 -21.65
N LEU B 136 0.89 1.69 -22.51
CA LEU B 136 0.25 3.01 -22.45
C LEU B 136 -1.15 2.68 -21.99
N ASN B 137 -1.55 3.08 -20.78
CA ASN B 137 -2.86 2.72 -20.25
C ASN B 137 -3.88 3.83 -20.13
N ASN B 138 -5.12 3.49 -20.54
CA ASN B 138 -6.34 4.30 -20.41
C ASN B 138 -6.21 5.73 -20.91
N PHE B 139 -6.12 5.85 -22.27
CA PHE B 139 -5.92 7.15 -22.90
C PHE B 139 -6.93 7.42 -24.02
N TYR B 140 -7.12 8.67 -24.35
CA TYR B 140 -8.04 9.13 -25.40
C TYR B 140 -7.59 10.54 -25.79
N PRO B 141 -7.46 10.82 -27.10
CA PRO B 141 -7.83 9.97 -28.25
C PRO B 141 -6.88 8.78 -28.50
N ARG B 142 -7.25 7.91 -29.46
CA ARG B 142 -6.47 6.72 -29.78
C ARG B 142 -5.07 7.03 -30.31
N GLU B 143 -4.87 8.17 -30.96
CA GLU B 143 -3.54 8.54 -31.49
C GLU B 143 -2.48 8.76 -30.42
N ALA B 144 -1.32 8.17 -30.63
CA ALA B 144 -0.18 8.27 -29.70
C ALA B 144 1.09 7.93 -30.45
N LYS B 145 2.21 8.47 -30.02
CA LYS B 145 3.50 8.16 -30.62
C LYS B 145 4.41 7.49 -29.56
N VAL B 146 4.94 6.33 -29.88
CA VAL B 146 5.85 5.62 -28.98
C VAL B 146 7.20 5.53 -29.68
N GLN B 147 8.26 5.96 -29.01
CA GLN B 147 9.61 5.88 -29.57
C GLN B 147 10.46 5.10 -28.58
N TRP B 148 11.18 4.09 -29.07
CA TRP B 148 12.11 3.34 -28.23
C TRP B 148 13.53 3.90 -28.33
N LYS B 149 14.25 3.86 -27.22
CA LYS B 149 15.64 4.26 -27.20
C LYS B 149 16.43 3.18 -26.47
N VAL B 150 17.60 2.81 -26.99
CA VAL B 150 18.49 1.84 -26.33
C VAL B 150 19.86 2.51 -26.12
N ASP B 151 20.17 2.89 -24.86
CA ASP B 151 21.35 3.69 -24.53
C ASP B 151 21.35 5.02 -25.31
N ASN B 152 20.14 5.64 -25.40
CA ASN B 152 19.80 6.91 -26.03
C ASN B 152 19.75 6.87 -27.58
N ALA B 153 19.95 5.70 -28.18
CA ALA B 153 19.93 5.58 -29.63
C ALA B 153 18.48 5.31 -30.01
N LEU B 154 17.91 6.17 -30.85
CA LEU B 154 16.55 6.08 -31.35
C LEU B 154 16.42 4.82 -32.17
N GLN B 155 15.42 3.99 -31.86
CA GLN B 155 15.20 2.73 -32.57
C GLN B 155 14.14 2.91 -33.67
N SER B 156 14.21 2.09 -34.71
CA SER B 156 13.23 2.17 -35.79
C SER B 156 13.11 0.84 -36.51
N GLY B 157 11.87 0.43 -36.76
CA GLY B 157 11.62 -0.83 -37.46
C GLY B 157 11.59 -2.08 -36.61
N ASN B 158 11.98 -1.97 -35.31
CA ASN B 158 12.02 -3.19 -34.48
C ASN B 158 10.97 -3.29 -33.38
N SER B 159 9.86 -2.56 -33.47
CA SER B 159 8.81 -2.66 -32.45
C SER B 159 7.40 -2.94 -33.02
N GLN B 160 6.62 -3.80 -32.33
CA GLN B 160 5.25 -4.06 -32.77
C GLN B 160 4.23 -3.51 -31.74
N GLU B 161 3.16 -2.90 -32.26
CA GLU B 161 2.10 -2.33 -31.42
C GLU B 161 0.80 -3.10 -31.48
N SER B 162 0.08 -3.09 -30.39
CA SER B 162 -1.25 -3.67 -30.31
C SER B 162 -2.13 -2.71 -29.51
N VAL B 163 -3.36 -2.48 -30.00
CA VAL B 163 -4.25 -1.51 -29.36
C VAL B 163 -5.53 -2.22 -28.99
N THR B 164 -6.04 -1.96 -27.78
CA THR B 164 -7.31 -2.50 -27.38
C THR B 164 -8.46 -1.76 -28.14
N GLU B 165 -9.65 -2.36 -28.07
CA GLU B 165 -10.88 -1.76 -28.49
C GLU B 165 -11.25 -0.71 -27.43
N GLN B 166 -12.07 0.27 -27.82
CA GLN B 166 -12.48 1.30 -26.87
C GLN B 166 -13.25 0.70 -25.68
N ASP B 167 -12.83 1.06 -24.49
CA ASP B 167 -13.41 0.54 -23.27
C ASP B 167 -14.91 0.90 -23.12
N SER B 168 -15.75 -0.09 -22.78
CA SER B 168 -17.20 0.11 -22.68
C SER B 168 -17.62 0.99 -21.50
N LYS B 169 -16.77 1.19 -20.50
CA LYS B 169 -17.13 2.00 -19.34
C LYS B 169 -16.43 3.34 -19.29
N ASP B 170 -15.10 3.37 -19.56
CA ASP B 170 -14.40 4.65 -19.48
C ASP B 170 -14.03 5.23 -20.84
N SER B 171 -14.36 4.54 -21.96
CA SER B 171 -14.15 5.08 -23.29
C SER B 171 -12.68 5.39 -23.67
N THR B 172 -11.73 4.79 -22.97
CA THR B 172 -10.31 4.97 -23.28
C THR B 172 -9.81 3.79 -24.09
N TYR B 173 -8.57 3.89 -24.59
CA TYR B 173 -7.88 2.85 -25.30
C TYR B 173 -6.62 2.57 -24.51
N SER B 174 -6.05 1.39 -24.69
CA SER B 174 -4.77 1.04 -24.13
C SER B 174 -3.88 0.52 -25.26
N LEU B 175 -2.56 0.70 -25.15
CA LEU B 175 -1.64 0.27 -26.22
C LEU B 175 -0.43 -0.40 -25.63
N SER B 176 0.04 -1.45 -26.25
CA SER B 176 1.28 -2.10 -25.88
C SER B 176 2.29 -1.93 -27.07
N SER B 177 3.53 -1.54 -26.78
CA SER B 177 4.58 -1.47 -27.78
C SER B 177 5.66 -2.45 -27.30
N THR B 178 6.00 -3.40 -28.16
CA THR B 178 6.97 -4.42 -27.80
C THR B 178 8.22 -4.26 -28.65
N LEU B 179 9.33 -3.90 -28.02
CA LEU B 179 10.63 -3.81 -28.69
C LEU B 179 11.18 -5.24 -28.88
N GLU B 180 11.37 -5.62 -30.14
CA GLU B 180 11.87 -6.93 -30.52
C GLU B 180 13.36 -6.89 -30.71
N LEU B 181 14.01 -7.82 -30.05
CA LEU B 181 15.45 -7.93 -30.04
C LEU B 181 15.85 -9.31 -29.55
N SER B 182 17.07 -9.75 -29.90
CA SER B 182 17.56 -11.06 -29.46
C SER B 182 18.02 -10.97 -28.02
N LYS B 183 18.06 -12.12 -27.32
CA LYS B 183 18.59 -12.16 -25.95
C LYS B 183 20.04 -11.63 -25.88
N ALA B 184 20.81 -11.92 -26.94
CA ALA B 184 22.17 -11.48 -27.05
C ALA B 184 22.27 -9.96 -27.15
N ASP B 185 21.42 -9.33 -27.97
CA ASP B 185 21.41 -7.87 -28.12
C ASP B 185 20.93 -7.20 -26.82
N TYR B 186 19.98 -7.81 -26.14
CA TYR B 186 19.45 -7.28 -24.88
C TYR B 186 20.56 -7.23 -23.83
N GLU B 187 21.38 -8.27 -23.77
CA GLU B 187 22.49 -8.33 -22.82
C GLU B 187 23.67 -7.42 -23.21
N LYS B 188 23.67 -6.82 -24.43
CA LYS B 188 24.72 -5.90 -24.91
C LYS B 188 24.42 -4.42 -24.64
N HIS B 189 23.22 -4.10 -24.14
CA HIS B 189 22.89 -2.71 -23.80
C HIS B 189 22.46 -2.60 -22.34
N LYS B 190 22.41 -1.37 -21.83
CA LYS B 190 22.08 -1.11 -20.45
C LYS B 190 20.69 -0.46 -20.27
N VAL B 191 20.48 0.74 -20.81
CA VAL B 191 19.29 1.54 -20.61
C VAL B 191 18.24 1.39 -21.70
N TYR B 192 17.01 1.04 -21.29
CA TYR B 192 15.90 0.88 -22.20
C TYR B 192 14.87 1.89 -21.85
N ALA B 193 14.47 2.70 -22.81
CA ALA B 193 13.48 3.74 -22.57
C ALA B 193 12.42 3.78 -23.67
N CYS B 194 11.18 4.05 -23.29
CA CYS B 194 10.10 4.31 -24.26
C CYS B 194 9.53 5.71 -23.91
N GLU B 195 9.55 6.59 -24.91
CA GLU B 195 9.09 7.97 -24.82
C GLU B 195 7.75 8.01 -25.54
N VAL B 196 6.74 8.56 -24.87
CA VAL B 196 5.36 8.62 -25.32
C VAL B 196 4.89 10.05 -25.62
N THR B 197 4.34 10.25 -26.81
CA THR B 197 3.77 11.53 -27.21
C THR B 197 2.26 11.32 -27.32
N HIS B 198 1.49 12.18 -26.69
CA HIS B 198 0.03 12.09 -26.72
C HIS B 198 -0.53 13.48 -26.52
N GLN B 199 -1.66 13.81 -27.15
CA GLN B 199 -2.25 15.14 -27.03
C GLN B 199 -2.66 15.50 -25.58
N GLY B 200 -2.84 14.50 -24.71
CA GLY B 200 -3.15 14.74 -23.30
C GLY B 200 -1.95 15.14 -22.45
N LEU B 201 -0.72 15.00 -23.02
CA LEU B 201 0.54 15.32 -22.37
C LEU B 201 1.14 16.62 -23.00
N SER B 202 1.57 17.60 -22.17
CA SER B 202 2.20 18.85 -22.67
C SER B 202 3.65 18.64 -23.12
N SER B 203 4.32 17.68 -22.48
CA SER B 203 5.68 17.25 -22.79
C SER B 203 5.68 15.71 -22.82
N PRO B 204 6.46 15.09 -23.71
CA PRO B 204 6.47 13.60 -23.77
C PRO B 204 6.92 12.94 -22.48
N VAL B 205 6.37 11.76 -22.18
CA VAL B 205 6.74 11.01 -20.96
C VAL B 205 7.72 9.92 -21.33
N THR B 206 8.85 9.79 -20.63
CA THR B 206 9.77 8.68 -20.85
C THR B 206 9.79 7.78 -19.63
N LYS B 207 9.59 6.50 -19.86
CA LYS B 207 9.70 5.49 -18.86
C LYS B 207 10.90 4.63 -19.25
N SER B 208 11.82 4.41 -18.32
CA SER B 208 12.98 3.62 -18.61
C SER B 208 13.49 2.82 -17.40
N PHE B 209 14.34 1.81 -17.70
CA PHE B 209 15.05 1.02 -16.72
C PHE B 209 16.50 0.76 -17.19
N ASN B 210 17.36 0.41 -16.25
CA ASN B 210 18.74 0.04 -16.52
C ASN B 210 18.74 -1.47 -16.26
N ARG B 211 19.08 -2.27 -17.28
CA ARG B 211 19.08 -3.73 -17.27
C ARG B 211 19.72 -4.34 -16.03
N GLY B 212 20.85 -3.78 -15.58
CA GLY B 212 21.55 -4.23 -14.40
C GLY B 212 20.85 -4.01 -13.09
N GLU B 213 19.90 -3.08 -13.06
CA GLU B 213 19.13 -2.83 -11.82
C GLU B 213 17.97 -3.82 -11.65
N CYS B 214 17.58 -4.51 -12.74
CA CYS B 214 16.51 -5.50 -12.73
C CYS B 214 17.03 -6.82 -12.21
N GLN C 1 -7.50 16.43 15.32
CA GLN C 1 -6.10 16.01 15.42
C GLN C 1 -6.00 14.50 15.56
N VAL C 2 -5.02 13.87 14.87
CA VAL C 2 -4.88 12.43 14.97
C VAL C 2 -4.29 12.11 16.36
N GLN C 3 -4.90 11.12 17.02
CA GLN C 3 -4.56 10.70 18.35
C GLN C 3 -4.46 9.15 18.35
N LEU C 4 -3.51 8.61 19.10
CA LEU C 4 -3.35 7.17 19.34
C LEU C 4 -3.09 7.06 20.85
N VAL C 5 -3.88 6.24 21.57
CA VAL C 5 -3.73 6.11 23.02
C VAL C 5 -3.57 4.63 23.37
N GLU C 6 -2.43 4.25 23.96
CA GLU C 6 -2.23 2.84 24.34
C GLU C 6 -2.72 2.62 25.76
N SER C 7 -3.12 1.39 26.06
CA SER C 7 -3.49 0.95 27.40
C SER C 7 -3.24 -0.56 27.52
N GLY C 8 -3.30 -1.05 28.76
CA GLY C 8 -3.16 -2.46 29.03
C GLY C 8 -1.83 -2.87 29.61
N GLY C 9 -0.85 -1.96 29.57
CA GLY C 9 0.46 -2.25 30.10
C GLY C 9 0.42 -2.50 31.60
N GLY C 10 1.28 -3.38 32.07
CA GLY C 10 1.31 -3.69 33.49
C GLY C 10 2.23 -4.81 33.84
N LEU C 11 2.22 -5.22 35.11
CA LEU C 11 3.08 -6.30 35.56
C LEU C 11 2.50 -7.63 35.16
N VAL C 12 3.32 -8.48 34.57
CA VAL C 12 2.88 -9.80 34.16
C VAL C 12 4.01 -10.81 34.40
N GLN C 13 3.68 -12.01 34.90
CA GLN C 13 4.67 -13.04 35.19
C GLN C 13 5.32 -13.60 33.94
N PRO C 14 6.59 -14.07 34.01
CA PRO C 14 7.19 -14.74 32.85
C PRO C 14 6.38 -15.97 32.45
N GLY C 15 6.10 -16.12 31.18
CA GLY C 15 5.22 -17.16 30.67
C GLY C 15 3.74 -16.74 30.63
N GLY C 16 3.44 -15.57 31.19
CA GLY C 16 2.09 -15.04 31.28
C GLY C 16 1.55 -14.43 30.00
N SER C 17 0.30 -13.96 30.08
CA SER C 17 -0.40 -13.37 28.97
C SER C 17 -0.83 -11.93 29.30
N LEU C 18 -0.85 -11.06 28.30
CA LEU C 18 -1.32 -9.69 28.48
C LEU C 18 -1.81 -9.12 27.16
N ARG C 19 -2.94 -8.43 27.18
CA ARG C 19 -3.48 -7.79 25.99
C ARG C 19 -3.35 -6.26 26.10
N LEU C 20 -2.74 -5.67 25.05
CA LEU C 20 -2.59 -4.23 24.93
C LEU C 20 -3.60 -3.72 23.92
N SER C 21 -4.09 -2.52 24.16
CA SER C 21 -5.03 -1.89 23.23
CA SER C 21 -5.05 -1.87 23.25
C SER C 21 -4.52 -0.52 22.83
N CYS C 22 -4.90 -0.08 21.64
CA CYS C 22 -4.54 1.22 21.15
C CYS C 22 -5.81 1.82 20.54
N ALA C 23 -6.33 2.92 21.08
CA ALA C 23 -7.49 3.57 20.50
C ALA C 23 -7.08 4.73 19.62
N ALA C 24 -7.68 4.81 18.43
CA ALA C 24 -7.38 5.90 17.51
C ALA C 24 -8.57 6.83 17.29
N SER C 25 -8.25 8.07 16.93
CA SER C 25 -9.20 9.11 16.56
C SER C 25 -8.53 10.18 15.75
N GLY C 26 -9.33 10.98 15.06
CA GLY C 26 -8.83 12.10 14.25
C GLY C 26 -8.48 11.72 12.83
N PHE C 27 -8.75 10.49 12.42
CA PHE C 27 -8.45 10.00 11.09
C PHE C 27 -9.29 8.74 10.80
N THR C 28 -9.35 8.35 9.52
CA THR C 28 -10.11 7.17 9.11
C THR C 28 -9.21 5.94 9.32
N PHE C 29 -9.29 5.38 10.52
CA PHE C 29 -8.53 4.25 11.00
C PHE C 29 -8.38 3.11 10.00
N SER C 30 -9.52 2.62 9.42
CA SER C 30 -9.52 1.47 8.49
C SER C 30 -8.69 1.65 7.20
N TYR C 31 -8.24 2.86 6.84
CA TYR C 31 -7.41 3.01 5.65
C TYR C 31 -5.93 2.78 5.94
N TYR C 32 -5.51 2.69 7.22
CA TYR C 32 -4.08 2.64 7.52
C TYR C 32 -3.55 1.35 8.07
N ASP C 33 -2.30 1.07 7.73
CA ASP C 33 -1.51 0.03 8.37
C ASP C 33 -1.17 0.60 9.77
N ILE C 34 -1.27 -0.20 10.82
CA ILE C 34 -0.91 0.25 12.16
C ILE C 34 0.14 -0.71 12.74
N GLN C 35 1.06 -0.18 13.57
CA GLN C 35 2.14 -0.95 14.16
C GLN C 35 2.17 -0.85 15.68
N TRP C 36 2.90 -1.78 16.30
CA TRP C 36 3.36 -1.78 17.68
C TRP C 36 4.88 -1.76 17.52
N VAL C 37 5.54 -0.84 18.24
CA VAL C 37 6.99 -0.64 18.26
C VAL C 37 7.34 -0.59 19.72
N ARG C 38 8.37 -1.27 20.17
CA ARG C 38 8.68 -1.25 21.61
C ARG C 38 10.08 -0.66 21.93
N GLN C 39 10.23 -0.22 23.18
CA GLN C 39 11.48 0.34 23.62
C GLN C 39 11.81 -0.18 25.02
N ALA C 40 12.79 -1.09 25.10
CA ALA C 40 13.27 -1.68 26.35
C ALA C 40 13.99 -0.61 27.22
N PRO C 41 13.98 -0.78 28.54
CA PRO C 41 14.59 0.25 29.42
C PRO C 41 15.99 0.73 29.05
N GLY C 42 16.14 2.03 28.83
CA GLY C 42 17.42 2.62 28.44
C GLY C 42 17.93 2.21 27.08
N LYS C 43 17.09 1.54 26.25
CA LYS C 43 17.47 1.05 24.93
C LYS C 43 16.72 1.81 23.78
N GLY C 44 16.93 1.41 22.53
CA GLY C 44 16.35 2.12 21.41
C GLY C 44 15.01 1.59 20.95
N LEU C 45 14.64 1.97 19.75
CA LEU C 45 13.40 1.58 19.08
C LEU C 45 13.47 0.22 18.36
N GLU C 46 12.48 -0.63 18.59
CA GLU C 46 12.38 -1.95 17.97
C GLU C 46 10.97 -2.23 17.41
N TRP C 47 10.85 -2.45 16.09
CA TRP C 47 9.58 -2.77 15.46
C TRP C 47 9.05 -4.15 15.95
N VAL C 48 7.75 -4.25 16.26
CA VAL C 48 7.20 -5.48 16.83
C VAL C 48 6.23 -6.18 15.89
N SER C 49 5.23 -5.45 15.44
CA SER C 49 4.17 -6.05 14.65
C SER C 49 3.47 -5.02 13.79
N SER C 50 2.75 -5.49 12.77
CA SER C 50 2.00 -4.59 11.91
C SER C 50 0.78 -5.29 11.38
N ILE C 51 -0.30 -4.53 11.22
CA ILE C 51 -1.56 -5.02 10.71
C ILE C 51 -2.05 -4.17 9.55
N SER C 52 -2.46 -4.83 8.47
CA SER C 52 -2.92 -4.19 7.25
C SER C 52 -4.30 -3.48 7.48
N PRO C 53 -4.70 -2.49 6.66
CA PRO C 53 -5.97 -1.79 6.88
C PRO C 53 -7.20 -2.69 7.16
N SER C 54 -7.34 -3.79 6.41
CA SER C 54 -8.47 -4.73 6.60
C SER C 54 -8.16 -5.85 7.59
N GLY C 55 -6.94 -5.92 8.11
CA GLY C 55 -6.57 -6.98 9.05
C GLY C 55 -6.25 -8.30 8.38
N GLN C 56 -6.32 -8.39 7.04
CA GLN C 56 -6.07 -9.64 6.35
C GLN C 56 -4.59 -10.03 6.27
N SER C 57 -3.67 -9.10 6.52
CA SER C 57 -2.25 -9.40 6.50
C SER C 57 -1.51 -8.70 7.61
N THR C 58 -0.57 -9.41 8.20
CA THR C 58 0.21 -8.99 9.35
C THR C 58 1.70 -9.29 9.15
N TYR C 59 2.55 -8.66 9.97
CA TYR C 59 3.96 -8.92 10.05
C TYR C 59 4.27 -9.02 11.57
N TYR C 60 5.27 -9.82 11.92
CA TYR C 60 5.74 -9.95 13.28
C TYR C 60 7.26 -9.92 13.27
N ARG C 61 7.87 -9.39 14.33
CA ARG C 61 9.30 -9.41 14.52
C ARG C 61 9.61 -10.90 14.88
N ARG C 62 10.68 -11.48 14.32
CA ARG C 62 11.03 -12.89 14.52
C ARG C 62 10.96 -13.36 15.97
N GLU C 63 11.46 -12.53 16.89
CA GLU C 63 11.49 -12.78 18.32
C GLU C 63 10.12 -13.01 18.97
N VAL C 64 9.07 -12.40 18.40
CA VAL C 64 7.74 -12.52 19.00
C VAL C 64 6.78 -13.43 18.21
N LYS C 65 7.16 -13.85 16.99
CA LYS C 65 6.35 -14.71 16.12
C LYS C 65 5.92 -15.97 16.87
N GLY C 66 4.62 -16.24 16.88
CA GLY C 66 4.09 -17.40 17.57
C GLY C 66 3.74 -17.16 19.03
N ARG C 67 4.11 -15.98 19.55
CA ARG C 67 3.77 -15.56 20.90
C ARG C 67 2.79 -14.39 20.84
N PHE C 68 3.03 -13.45 19.91
CA PHE C 68 2.21 -12.25 19.81
C PHE C 68 1.21 -12.35 18.63
N THR C 69 -0.02 -11.83 18.82
CA THR C 69 -1.04 -11.75 17.76
C THR C 69 -1.55 -10.31 17.72
N ILE C 70 -1.36 -9.68 16.60
CA ILE C 70 -1.88 -8.34 16.38
C ILE C 70 -3.25 -8.48 15.74
N SER C 71 -4.21 -7.64 16.18
CA SER C 71 -5.57 -7.61 15.62
C SER C 71 -6.12 -6.19 15.67
N ARG C 72 -7.16 -5.91 14.85
CA ARG C 72 -7.81 -4.61 14.86
C ARG C 72 -9.34 -4.77 14.83
N ASP C 73 -10.05 -3.71 15.19
CA ASP C 73 -11.49 -3.59 15.18
C ASP C 73 -11.78 -2.24 14.58
N ASN C 74 -12.16 -2.25 13.33
CA ASN C 74 -12.47 -1.06 12.57
C ASN C 74 -13.81 -0.39 12.88
N SER C 75 -14.61 -0.92 13.83
CA SER C 75 -15.85 -0.25 14.24
C SER C 75 -15.55 0.61 15.48
N LYS C 76 -14.75 0.08 16.42
CA LYS C 76 -14.27 0.83 17.59
C LYS C 76 -13.01 1.70 17.28
N ASN C 77 -12.34 1.47 16.12
CA ASN C 77 -11.09 2.16 15.74
C ASN C 77 -10.01 1.82 16.76
N THR C 78 -9.84 0.53 17.05
CA THR C 78 -8.91 0.07 18.07
C THR C 78 -8.01 -1.05 17.55
N LEU C 79 -6.73 -1.01 17.95
CA LEU C 79 -5.71 -2.00 17.59
C LEU C 79 -5.38 -2.79 18.88
N TYR C 80 -5.13 -4.10 18.77
CA TYR C 80 -4.75 -4.92 19.91
C TYR C 80 -3.42 -5.68 19.69
N LEU C 81 -2.73 -5.97 20.78
CA LEU C 81 -1.58 -6.84 20.77
C LEU C 81 -1.81 -7.86 21.86
N GLN C 82 -2.09 -9.08 21.49
CA GLN C 82 -2.24 -10.16 22.46
C GLN C 82 -0.84 -10.73 22.60
N MET C 83 -0.28 -10.70 23.83
CA MET C 83 1.08 -11.18 24.05
C MET C 83 1.05 -12.40 24.95
N ASN C 84 1.48 -13.57 24.43
CA ASN C 84 1.53 -14.82 25.20
C ASN C 84 2.99 -15.22 25.41
N SER C 85 3.26 -16.18 26.34
CA SER C 85 4.61 -16.72 26.59
C SER C 85 5.63 -15.59 26.77
N LEU C 86 5.30 -14.67 27.65
CA LEU C 86 6.09 -13.50 27.84
C LEU C 86 7.49 -13.82 28.40
N ARG C 87 8.48 -13.11 27.89
CA ARG C 87 9.85 -13.30 28.32
C ARG C 87 10.30 -12.04 29.04
N ALA C 88 11.32 -12.16 29.89
CA ALA C 88 11.90 -11.02 30.61
C ALA C 88 12.31 -9.88 29.64
N GLU C 89 12.90 -10.25 28.48
CA GLU C 89 13.33 -9.34 27.44
C GLU C 89 12.18 -8.71 26.61
N ASP C 90 10.93 -9.02 26.95
CA ASP C 90 9.72 -8.38 26.40
C ASP C 90 9.32 -7.14 27.28
N THR C 91 10.06 -6.88 28.40
CA THR C 91 9.81 -5.71 29.22
C THR C 91 10.15 -4.48 28.39
N ALA C 92 9.19 -3.59 28.17
CA ALA C 92 9.40 -2.42 27.31
C ALA C 92 8.21 -1.47 27.39
N VAL C 93 8.38 -0.21 26.92
CA VAL C 93 7.24 0.64 26.68
C VAL C 93 6.80 0.23 25.26
N TYR C 94 5.55 -0.11 25.10
CA TYR C 94 5.00 -0.48 23.79
C TYR C 94 4.28 0.70 23.21
N TYR C 95 4.64 1.06 21.97
CA TYR C 95 4.02 2.15 21.23
C TYR C 95 3.14 1.70 20.09
N CYS C 96 2.02 2.37 19.91
CA CYS C 96 1.13 2.18 18.78
C CYS C 96 1.61 3.28 17.80
N ALA C 97 1.88 2.94 16.54
CA ALA C 97 2.39 3.85 15.53
C ALA C 97 1.65 3.68 14.22
N ARG C 98 1.23 4.76 13.60
CA ARG C 98 0.55 4.69 12.31
C ARG C 98 1.54 4.80 11.12
N ARG C 99 1.45 3.88 10.16
CA ARG C 99 2.24 3.98 8.90
C ARG C 99 1.56 5.08 8.03
N THR C 100 2.36 5.90 7.34
CA THR C 100 1.83 6.98 6.49
C THR C 100 0.68 6.63 5.54
N GLY C 101 0.76 5.50 4.84
CA GLY C 101 -0.31 5.12 3.91
C GLY C 101 0.07 4.32 2.68
N ARG C 102 0.29 5.02 1.55
CA ARG C 102 0.61 4.38 0.27
C ARG C 102 2.02 3.78 0.24
N GLU C 104 5.27 1.05 -0.63
CA GLU C 104 5.37 1.83 -1.86
C GLU C 104 6.05 3.17 -1.55
N GLY C 105 5.29 4.15 -1.07
CA GLY C 105 5.82 5.44 -0.63
C GLY C 105 6.66 5.33 0.64
N GLY C 106 6.57 4.19 1.34
CA GLY C 106 7.38 3.89 2.50
C GLY C 106 6.65 3.35 3.71
N TRP C 107 7.41 2.79 4.65
CA TRP C 107 6.90 2.32 5.92
C TRP C 107 7.47 3.30 6.94
N ILE C 108 6.92 4.51 6.92
CA ILE C 108 7.25 5.70 7.71
C ILE C 108 6.16 5.82 8.76
N PHE C 109 6.52 6.01 10.04
CA PHE C 109 5.55 6.07 11.15
C PHE C 109 5.39 7.52 11.55
N ASP C 110 4.38 8.14 11.02
CA ASP C 110 4.16 9.58 11.17
C ASP C 110 3.54 9.97 12.50
N TYR C 111 2.84 9.05 13.16
CA TYR C 111 2.23 9.35 14.47
C TYR C 111 2.44 8.24 15.43
N TRP C 112 2.79 8.57 16.68
CA TRP C 112 2.98 7.58 17.72
C TRP C 112 2.17 7.97 18.94
N GLY C 113 1.61 6.97 19.60
CA GLY C 113 0.93 7.21 20.87
C GLY C 113 1.95 7.45 21.98
N GLN C 114 1.47 7.71 23.22
CA GLN C 114 2.41 7.97 24.31
C GLN C 114 3.14 6.74 24.87
N GLY C 115 2.59 5.57 24.63
CA GLY C 115 3.18 4.31 25.05
C GLY C 115 2.63 3.74 26.34
N THR C 116 2.71 2.42 26.45
CA THR C 116 2.28 1.71 27.67
C THR C 116 3.39 0.74 28.12
N LEU C 117 3.85 0.85 29.38
CA LEU C 117 4.94 0.03 29.91
C LEU C 117 4.46 -1.36 30.28
N VAL C 118 5.17 -2.38 29.79
CA VAL C 118 4.88 -3.79 30.09
C VAL C 118 6.06 -4.32 30.91
N THR C 119 5.78 -4.79 32.14
CA THR C 119 6.87 -5.27 33.00
C THR C 119 6.78 -6.75 33.11
N VAL C 120 7.79 -7.47 32.64
CA VAL C 120 7.79 -8.95 32.73
C VAL C 120 8.69 -9.39 33.86
N SER C 121 8.05 -9.63 35.00
CA SER C 121 8.74 -10.01 36.21
C SER C 121 7.89 -10.86 37.15
N SER C 122 8.57 -11.61 38.00
CA SER C 122 7.91 -12.42 39.02
C SER C 122 7.56 -11.61 40.28
N ALA C 123 8.02 -10.37 40.42
CA ALA C 123 7.71 -9.58 41.62
C ALA C 123 6.17 -9.36 41.81
N SER C 124 5.77 -8.89 42.98
CA SER C 124 4.37 -8.62 43.27
C SER C 124 4.09 -7.13 43.21
N THR C 125 2.84 -6.78 42.97
CA THR C 125 2.42 -5.40 42.94
C THR C 125 2.46 -4.84 44.35
N LYS C 126 3.11 -3.67 44.51
CA LYS C 126 3.18 -2.99 45.79
C LYS C 126 2.98 -1.49 45.55
N GLY C 127 2.19 -0.88 46.43
CA GLY C 127 1.94 0.55 46.39
C GLY C 127 2.97 1.30 47.20
N PRO C 128 3.22 2.56 46.82
CA PRO C 128 4.23 3.34 47.52
C PRO C 128 3.81 3.95 48.84
N SER C 129 4.81 4.31 49.64
CA SER C 129 4.69 5.06 50.87
C SER C 129 5.29 6.45 50.53
N VAL C 130 4.57 7.55 50.78
CA VAL C 130 5.02 8.88 50.38
C VAL C 130 5.38 9.74 51.58
N PHE C 131 6.68 10.04 51.77
CA PHE C 131 7.20 10.82 52.90
C PHE C 131 7.65 12.25 52.47
N PRO C 132 7.51 13.22 53.39
CA PRO C 132 7.92 14.59 53.04
C PRO C 132 9.42 14.80 53.06
N LEU C 133 9.91 15.70 52.20
CA LEU C 133 11.33 16.07 52.15
C LEU C 133 11.35 17.58 52.32
N ALA C 134 11.89 18.06 53.43
CA ALA C 134 11.94 19.48 53.72
C ALA C 134 13.19 19.77 54.57
N PRO C 135 13.74 20.98 54.51
CA PRO C 135 14.93 21.29 55.31
C PRO C 135 14.82 21.00 56.81
N CYS C 136 15.96 20.85 57.45
CA CYS C 136 16.02 20.63 58.89
C CYS C 136 15.54 21.92 59.60
N SER C 137 15.96 23.10 59.08
CA SER C 137 15.55 24.39 59.58
C SER C 137 14.79 25.12 58.47
N ARG C 138 13.55 25.55 58.73
CA ARG C 138 12.74 26.27 57.74
C ARG C 138 13.04 27.77 57.78
N SER C 139 14.32 28.11 57.88
CA SER C 139 14.84 29.48 57.88
C SER C 139 16.16 29.41 57.13
N THR C 140 16.32 30.21 56.06
CA THR C 140 17.57 30.17 55.31
C THR C 140 17.97 31.51 54.72
N SER C 141 19.28 31.75 54.66
CA SER C 141 19.87 32.96 54.06
C SER C 141 19.74 32.93 52.51
N GLU C 142 19.57 31.73 51.91
CA GLU C 142 19.45 31.55 50.46
C GLU C 142 18.11 32.08 49.91
N SER C 143 18.15 32.66 48.70
CA SER C 143 16.95 33.20 48.06
C SER C 143 15.99 32.12 47.59
N THR C 144 16.52 30.96 47.18
CA THR C 144 15.71 29.85 46.70
C THR C 144 15.82 28.68 47.67
N ALA C 145 14.70 28.04 47.98
CA ALA C 145 14.68 26.87 48.87
C ALA C 145 14.18 25.61 48.10
N ALA C 146 14.42 24.41 48.65
CA ALA C 146 13.97 23.17 48.01
C ALA C 146 13.02 22.39 48.88
N LEU C 147 12.02 21.79 48.25
CA LEU C 147 11.06 20.91 48.90
C LEU C 147 10.98 19.62 48.06
N GLY C 148 10.56 18.53 48.68
CA GLY C 148 10.43 17.27 47.96
C GLY C 148 9.45 16.28 48.53
N CYS C 149 9.39 15.12 47.88
CA CYS C 149 8.56 14.03 48.30
C CYS C 149 9.30 12.78 47.92
N LEU C 150 9.51 11.90 48.86
CA LEU C 150 10.17 10.63 48.69
C LEU C 150 9.10 9.52 48.51
N VAL C 151 9.05 8.91 47.32
CA VAL C 151 8.08 7.87 46.97
C VAL C 151 8.83 6.56 47.11
N LYS C 152 8.40 5.70 48.02
CA LYS C 152 9.17 4.51 48.34
C LYS C 152 8.48 3.14 48.24
N ASP C 153 9.30 2.14 47.86
CA ASP C 153 8.99 0.72 47.80
C ASP C 153 7.71 0.36 47.04
N TYR C 154 7.73 0.61 45.74
CA TYR C 154 6.60 0.28 44.89
C TYR C 154 7.03 -0.59 43.71
N PHE C 155 6.07 -1.31 43.15
CA PHE C 155 6.28 -2.14 41.98
C PHE C 155 4.95 -2.40 41.27
N PRO C 156 4.89 -2.39 39.94
CA PRO C 156 5.97 -2.05 39.02
C PRO C 156 5.97 -0.54 38.76
N GLU C 157 6.81 -0.11 37.85
CA GLU C 157 6.78 1.27 37.36
C GLU C 157 5.50 1.36 36.48
N PRO C 158 4.95 2.55 36.26
CA PRO C 158 5.47 3.85 36.70
C PRO C 158 4.64 4.51 37.79
N VAL C 159 5.24 5.52 38.39
CA VAL C 159 4.60 6.35 39.38
C VAL C 159 4.48 7.76 38.71
N THR C 160 3.35 8.42 38.91
CA THR C 160 3.13 9.77 38.37
C THR C 160 3.23 10.74 39.51
N VAL C 161 4.06 11.78 39.34
CA VAL C 161 4.21 12.78 40.37
C VAL C 161 3.99 14.13 39.76
N SER C 162 3.12 14.91 40.37
CA SER C 162 2.84 16.27 39.97
C SER C 162 2.90 17.13 41.25
N TRP C 163 2.90 18.46 41.09
CA TRP C 163 2.95 19.36 42.25
C TRP C 163 1.81 20.36 42.13
N ASN C 164 1.04 20.53 43.22
CA ASN C 164 -0.13 21.44 43.30
C ASN C 164 -1.10 21.19 42.12
N SER C 165 -1.51 19.91 41.94
CA SER C 165 -2.41 19.42 40.88
C SER C 165 -1.96 19.73 39.45
N GLY C 166 -0.66 19.83 39.24
CA GLY C 166 -0.11 20.16 37.94
C GLY C 166 -0.02 21.65 37.67
N ALA C 167 -0.40 22.51 38.65
CA ALA C 167 -0.31 23.97 38.51
C ALA C 167 1.13 24.49 38.78
N LEU C 168 1.98 23.63 39.38
CA LEU C 168 3.37 23.91 39.65
C LEU C 168 4.18 23.04 38.71
N THR C 169 4.64 23.59 37.57
CA THR C 169 5.50 22.83 36.63
C THR C 169 6.96 23.39 36.64
N SER C 170 7.12 24.66 37.06
CA SER C 170 8.43 25.30 37.06
C SER C 170 9.36 24.81 38.13
N GLY C 171 10.56 24.45 37.71
CA GLY C 171 11.60 23.98 38.59
C GLY C 171 11.37 22.61 39.18
N VAL C 172 10.42 21.83 38.64
CA VAL C 172 10.12 20.51 39.17
C VAL C 172 11.05 19.48 38.57
N HIS C 173 11.61 18.61 39.43
CA HIS C 173 12.42 17.50 38.95
C HIS C 173 11.96 16.22 39.54
N THR C 174 11.42 15.32 38.73
CA THR C 174 11.07 14.00 39.24
C THR C 174 12.16 13.07 38.75
N PHE C 175 12.95 12.51 39.68
CA PHE C 175 14.06 11.66 39.32
C PHE C 175 13.67 10.28 38.85
N PRO C 176 14.47 9.68 37.94
CA PRO C 176 14.26 8.29 37.54
C PRO C 176 14.22 7.37 38.76
N ALA C 177 13.43 6.29 38.65
CA ALA C 177 13.32 5.38 39.77
C ALA C 177 14.60 4.59 39.93
N VAL C 178 14.84 4.13 41.16
CA VAL C 178 15.96 3.27 41.48
C VAL C 178 15.48 1.97 42.11
N LEU C 179 16.05 0.83 41.68
CA LEU C 179 15.72 -0.46 42.25
C LEU C 179 16.98 -0.97 42.95
N LYS C 180 17.12 -0.72 44.26
CA LYS C 180 18.28 -1.22 44.99
C LYS C 180 17.97 -2.62 45.57
N SER C 181 16.71 -2.83 46.01
CA SER C 181 16.24 -4.11 46.51
C SER C 181 15.31 -4.73 45.49
N SER C 182 15.28 -6.06 45.46
CA SER C 182 14.45 -6.85 44.56
C SER C 182 12.98 -6.48 44.65
N GLY C 183 12.37 -6.31 43.49
CA GLY C 183 10.97 -5.97 43.34
C GLY C 183 10.54 -4.68 43.99
N LEU C 184 11.50 -3.73 44.23
CA LEU C 184 11.15 -2.47 44.88
C LEU C 184 11.80 -1.24 44.26
N TYR C 185 10.96 -0.35 43.69
CA TYR C 185 11.44 0.92 43.16
C TYR C 185 11.21 2.04 44.17
N SER C 186 12.05 3.06 44.08
CA SER C 186 11.91 4.25 44.89
C SER C 186 12.41 5.41 44.08
N LEU C 187 11.80 6.57 44.29
CA LEU C 187 12.23 7.79 43.62
C LEU C 187 12.00 9.00 44.52
N SER C 188 12.55 10.15 44.12
CA SER C 188 12.27 11.42 44.78
C SER C 188 11.74 12.37 43.72
N SER C 189 10.87 13.28 44.11
CA SER C 189 10.41 14.39 43.29
C SER C 189 10.75 15.66 44.06
N VAL C 190 11.40 16.63 43.45
CA VAL C 190 11.78 17.86 44.14
C VAL C 190 11.28 19.09 43.37
N VAL C 191 11.20 20.23 44.10
CA VAL C 191 10.85 21.48 43.49
C VAL C 191 11.59 22.63 44.17
N THR C 192 12.13 23.55 43.37
CA THR C 192 12.79 24.73 43.95
C THR C 192 11.81 25.88 43.89
N VAL C 193 11.64 26.56 45.01
CA VAL C 193 10.69 27.68 45.14
C VAL C 193 11.36 28.89 45.82
N PRO C 194 10.79 30.11 45.68
CA PRO C 194 11.39 31.26 46.38
C PRO C 194 11.25 31.08 47.90
N SER C 195 12.28 31.44 48.68
CA SER C 195 12.31 31.26 50.14
C SER C 195 11.19 31.99 50.90
N SER C 196 10.79 33.16 50.44
CA SER C 196 9.73 33.93 51.09
C SER C 196 8.37 33.21 51.09
N SER C 197 8.17 32.22 50.19
CA SER C 197 6.95 31.43 50.10
C SER C 197 6.89 30.28 51.12
N LEU C 198 7.71 30.30 52.18
CA LEU C 198 7.70 29.22 53.18
C LEU C 198 6.37 29.24 53.95
N GLY C 199 5.97 30.44 54.34
CA GLY C 199 4.70 30.70 55.00
C GLY C 199 3.95 31.65 54.11
N THR C 200 3.46 31.15 52.94
CA THR C 200 2.75 31.93 51.92
C THR C 200 1.92 31.03 50.98
N GLN C 201 2.58 30.08 50.28
CA GLN C 201 1.89 29.20 49.34
C GLN C 201 1.99 27.74 49.79
N THR C 202 0.94 26.95 49.52
CA THR C 202 0.95 25.54 49.90
C THR C 202 1.63 24.71 48.81
N TYR C 203 2.33 23.65 49.23
CA TYR C 203 3.04 22.78 48.31
C TYR C 203 2.73 21.30 48.54
N THR C 204 1.96 20.71 47.64
CA THR C 204 1.54 19.31 47.78
C THR C 204 1.94 18.47 46.59
N CYS C 205 2.65 17.37 46.86
CA CYS C 205 3.04 16.43 45.83
C CYS C 205 1.88 15.47 45.61
N ASN C 206 1.59 15.15 44.34
CA ASN C 206 0.50 14.24 44.02
C ASN C 206 1.10 12.98 43.41
N VAL C 207 1.12 11.89 44.18
CA VAL C 207 1.66 10.63 43.71
C VAL C 207 0.55 9.67 43.30
N ASP C 208 0.64 9.18 42.07
CA ASP C 208 -0.31 8.26 41.48
C ASP C 208 0.38 6.99 41.06
N HIS C 209 -0.06 5.85 41.58
CA HIS C 209 0.48 4.56 41.20
C HIS C 209 -0.68 3.69 40.72
N LYS C 210 -1.07 3.85 39.45
CA LYS C 210 -2.16 3.07 38.86
C LYS C 210 -2.07 1.55 39.13
N PRO C 211 -0.92 0.86 38.95
CA PRO C 211 -0.88 -0.58 39.20
C PRO C 211 -1.44 -1.04 40.56
N SER C 212 -1.22 -0.28 41.66
CA SER C 212 -1.76 -0.68 42.96
C SER C 212 -2.93 0.17 43.43
N ASN C 213 -3.62 0.88 42.50
CA ASN C 213 -4.74 1.77 42.79
C ASN C 213 -4.38 2.80 43.88
N THR C 214 -3.12 3.23 43.93
CA THR C 214 -2.65 4.15 44.96
C THR C 214 -2.70 5.57 44.49
N LYS C 215 -3.31 6.43 45.31
CA LYS C 215 -3.44 7.86 45.04
C LYS C 215 -3.16 8.52 46.36
N VAL C 216 -2.07 9.28 46.43
CA VAL C 216 -1.65 9.92 47.65
C VAL C 216 -1.32 11.38 47.34
N ASP C 217 -1.90 12.31 48.09
CA ASP C 217 -1.60 13.73 47.96
C ASP C 217 -0.95 14.05 49.30
N LYS C 218 0.33 14.44 49.29
CA LYS C 218 1.08 14.65 50.54
C LYS C 218 1.59 16.09 50.64
N ARG C 219 1.11 16.83 51.64
CA ARG C 219 1.49 18.23 51.83
C ARG C 219 2.85 18.34 52.50
N VAL C 220 3.76 19.12 51.92
CA VAL C 220 5.11 19.25 52.47
C VAL C 220 5.29 20.56 53.20
N GLU C 221 5.06 20.55 54.53
CA GLU C 221 5.18 21.71 55.43
C GLU C 221 4.22 22.86 55.10
N GLU D 1 18.49 -9.52 7.62
CA GLU D 1 17.95 -8.27 8.13
C GLU D 1 18.97 -7.18 8.00
N ILE D 2 18.56 -6.01 7.51
CA ILE D 2 19.45 -4.86 7.37
C ILE D 2 19.61 -4.26 8.76
N VAL D 3 20.84 -4.07 9.15
CA VAL D 3 21.20 -3.52 10.44
C VAL D 3 21.75 -2.11 10.27
N LEU D 4 21.24 -1.14 11.05
CA LEU D 4 21.71 0.24 10.99
C LEU D 4 22.59 0.59 12.18
N THR D 5 23.76 1.18 11.94
CA THR D 5 24.67 1.56 13.02
C THR D 5 24.81 3.08 13.12
N GLN D 6 24.59 3.66 14.32
CA GLN D 6 24.72 5.11 14.55
C GLN D 6 25.91 5.34 15.48
N SER D 7 27.04 5.69 14.90
CA SER D 7 28.28 5.87 15.66
C SER D 7 28.94 7.12 15.15
N PRO D 8 29.15 8.14 16.01
CA PRO D 8 28.99 8.19 17.49
C PRO D 8 27.61 7.99 18.10
N ALA D 9 27.57 7.32 19.25
CA ALA D 9 26.35 7.06 20.00
C ALA D 9 25.91 8.29 20.84
N THR D 10 26.83 9.23 21.10
CA THR D 10 26.55 10.46 21.82
C THR D 10 27.29 11.65 21.17
N LEU D 11 26.72 12.84 21.21
CA LEU D 11 27.33 14.09 20.73
C LEU D 11 27.16 15.17 21.80
N SER D 12 28.09 16.12 21.90
CA SER D 12 27.94 17.23 22.83
C SER D 12 28.27 18.49 22.04
N VAL D 13 27.25 19.29 21.71
CA VAL D 13 27.43 20.44 20.82
C VAL D 13 26.84 21.67 21.43
N SER D 14 27.50 22.81 21.27
CA SER D 14 27.06 24.07 21.83
C SER D 14 25.83 24.65 21.13
N PRO D 15 25.00 25.40 21.84
CA PRO D 15 23.85 26.05 21.21
C PRO D 15 24.29 27.05 20.15
N GLY D 16 23.60 27.03 19.01
CA GLY D 16 23.92 27.87 17.87
C GLY D 16 24.87 27.21 16.88
N GLU D 17 25.45 26.05 17.26
CA GLU D 17 26.42 25.29 16.48
C GLU D 17 25.80 24.14 15.64
N ARG D 18 26.63 23.39 14.86
CA ARG D 18 26.18 22.29 14.04
C ARG D 18 26.46 20.93 14.67
N ALA D 19 25.49 20.00 14.62
CA ALA D 19 25.60 18.63 15.10
C ALA D 19 25.41 17.74 13.88
N THR D 20 26.32 16.79 13.67
CA THR D 20 26.26 15.92 12.50
C THR D 20 26.11 14.48 12.95
N LEU D 21 24.98 13.88 12.60
CA LEU D 21 24.67 12.51 13.03
C LEU D 21 24.84 11.50 11.90
N SER D 22 25.46 10.35 12.18
CA SER D 22 25.72 9.37 11.15
C SER D 22 24.92 8.13 11.28
N CYS D 23 24.49 7.60 10.13
CA CYS D 23 23.77 6.34 10.08
C CYS D 23 24.33 5.51 8.93
N ARG D 24 24.78 4.28 9.23
CA ARG D 24 25.30 3.42 8.19
C ARG D 24 24.47 2.14 8.13
N ALA D 25 24.05 1.77 6.93
CA ALA D 25 23.31 0.55 6.73
C ALA D 25 24.26 -0.61 6.41
N SER D 26 23.92 -1.83 6.85
CA SER D 26 24.76 -3.00 6.59
C SER D 26 24.73 -3.41 5.10
N ARG D 27 23.68 -2.99 4.36
CA ARG D 27 23.38 -3.22 2.95
C ARG D 27 22.72 -1.93 2.42
N SER D 28 22.79 -1.69 1.10
CA SER D 28 22.13 -0.50 0.51
C SER D 28 20.61 -0.45 0.78
N VAL D 29 20.13 0.74 1.16
CA VAL D 29 18.70 1.00 1.38
C VAL D 29 18.19 2.08 0.39
N ARG D 30 18.99 2.43 -0.65
CA ARG D 30 18.78 3.47 -1.68
C ARG D 30 18.56 4.78 -0.92
N ARG D 31 17.36 5.38 -0.93
CA ARG D 31 17.08 6.54 -0.11
C ARG D 31 15.87 6.27 0.83
N GLU D 32 15.53 4.99 1.10
CA GLU D 32 14.37 4.67 1.95
C GLU D 32 14.79 4.64 3.39
N LEU D 33 15.06 5.81 3.89
CA LEU D 33 15.53 5.97 5.24
C LEU D 33 14.90 7.21 5.88
N ALA D 34 14.50 7.08 7.15
CA ALA D 34 13.86 8.11 7.96
C ALA D 34 14.65 8.42 9.20
N TRP D 35 14.47 9.62 9.76
CA TRP D 35 15.06 10.08 11.01
C TRP D 35 13.88 10.46 11.96
N TYR D 36 13.97 10.09 13.23
CA TYR D 36 12.96 10.38 14.24
C TYR D 36 13.66 11.04 15.43
N GLN D 37 12.97 11.92 16.10
CA GLN D 37 13.49 12.62 17.28
C GLN D 37 12.75 12.06 18.47
N GLN D 38 13.46 11.76 19.56
CA GLN D 38 12.78 11.33 20.77
C GLN D 38 13.32 12.08 21.98
N LYS D 39 12.52 12.99 22.51
CA LYS D 39 12.88 13.72 23.73
C LYS D 39 12.56 12.83 24.94
N PRO D 40 13.19 13.09 26.11
CA PRO D 40 12.96 12.21 27.28
C PRO D 40 11.51 12.21 27.71
N GLY D 41 11.01 11.04 28.07
CA GLY D 41 9.64 10.87 28.50
C GLY D 41 8.62 10.91 27.37
N GLN D 42 9.03 11.13 26.11
CA GLN D 42 8.08 11.25 25.01
C GLN D 42 8.23 10.19 23.93
N ALA D 43 7.22 10.08 23.08
CA ALA D 43 7.24 9.17 21.95
C ALA D 43 8.11 9.77 20.85
N PRO D 44 8.69 8.92 20.00
CA PRO D 44 9.46 9.45 18.86
C PRO D 44 8.55 10.24 17.90
N GLU D 45 9.17 11.15 17.17
CA GLU D 45 8.49 12.05 16.27
C GLU D 45 9.27 12.08 14.96
N LEU D 46 8.60 11.83 13.84
CA LEU D 46 9.21 11.85 12.53
C LEU D 46 9.78 13.22 12.17
N LEU D 47 11.02 13.27 11.65
CA LEU D 47 11.64 14.52 11.22
C LEU D 47 11.82 14.48 9.69
N ILE D 48 12.51 13.46 9.18
CA ILE D 48 12.93 13.34 7.82
C ILE D 48 12.61 11.97 7.29
N TYR D 49 12.25 11.85 6.02
CA TYR D 49 12.02 10.55 5.40
C TYR D 49 12.47 10.61 3.95
N GLY D 50 12.69 9.46 3.33
CA GLY D 50 13.22 9.39 1.97
C GLY D 50 14.60 10.06 1.91
N ALA D 51 15.36 9.91 3.02
CA ALA D 51 16.71 10.42 3.33
C ALA D 51 16.84 11.92 3.47
N SER D 52 16.10 12.71 2.68
CA SER D 52 16.27 14.15 2.68
C SER D 52 15.00 14.96 2.74
N THR D 53 13.82 14.32 2.71
CA THR D 53 12.56 15.06 2.73
C THR D 53 12.14 15.49 4.13
N ARG D 54 11.94 16.80 4.30
CA ARG D 54 11.48 17.47 5.51
C ARG D 54 10.18 18.23 5.21
N GLU D 55 9.10 17.88 5.91
CA GLU D 55 7.81 18.54 5.75
C GLU D 55 7.80 19.94 6.33
N THR D 56 6.88 20.80 5.84
CA THR D 56 6.58 22.12 6.41
C THR D 56 5.98 21.80 7.79
N GLY D 57 6.53 22.41 8.82
CA GLY D 57 6.15 22.05 10.19
C GLY D 57 7.34 21.48 10.94
N ILE D 58 8.40 21.06 10.24
CA ILE D 58 9.65 20.62 10.89
C ILE D 58 10.62 21.79 10.70
N PRO D 59 11.35 22.21 11.77
CA PRO D 59 12.26 23.36 11.62
C PRO D 59 13.28 23.16 10.52
N ALA D 60 13.48 24.23 9.74
CA ALA D 60 14.42 24.26 8.63
C ALA D 60 15.87 23.94 9.03
N ARG D 61 16.26 24.07 10.32
CA ARG D 61 17.62 23.72 10.75
C ARG D 61 17.93 22.20 10.65
N PHE D 62 16.87 21.38 10.48
CA PHE D 62 17.06 19.96 10.34
C PHE D 62 17.12 19.61 8.89
N SER D 63 18.12 18.83 8.50
CA SER D 63 18.22 18.37 7.13
C SER D 63 18.84 16.99 7.06
N GLY D 64 18.44 16.21 6.09
CA GLY D 64 18.98 14.86 5.90
C GLY D 64 19.70 14.69 4.57
N SER D 65 20.74 13.86 4.55
CA SER D 65 21.47 13.60 3.30
C SER D 65 21.99 12.17 3.22
N GLY D 66 22.35 11.76 2.02
CA GLY D 66 22.88 10.42 1.77
C GLY D 66 22.01 9.50 0.95
N SER D 67 22.61 8.40 0.49
CA SER D 67 22.01 7.32 -0.27
C SER D 67 22.90 6.06 -0.15
N GLY D 68 22.30 4.91 -0.35
CA GLY D 68 23.00 3.66 -0.27
C GLY D 68 23.18 3.17 1.14
N THR D 69 24.40 3.34 1.67
CA THR D 69 24.68 2.87 3.00
C THR D 69 25.05 4.03 3.94
N ASP D 70 25.43 5.23 3.43
CA ASP D 70 25.85 6.32 4.32
C ASP D 70 24.86 7.50 4.38
N PHE D 71 24.36 7.77 5.58
CA PHE D 71 23.37 8.79 5.78
C PHE D 71 23.79 9.74 6.87
N THR D 72 23.39 10.99 6.73
CA THR D 72 23.68 12.01 7.73
C THR D 72 22.45 12.83 8.07
N LEU D 73 22.26 13.14 9.36
CA LEU D 73 21.23 14.07 9.80
C LEU D 73 22.03 15.27 10.32
N THR D 74 21.84 16.46 9.74
CA THR D 74 22.57 17.63 10.22
C THR D 74 21.63 18.52 10.99
N ILE D 75 22.01 18.93 12.20
CA ILE D 75 21.21 19.86 12.96
C ILE D 75 21.98 21.19 13.04
N ASN D 76 21.71 22.11 12.12
CA ASN D 76 22.36 23.42 12.14
C ASN D 76 21.75 24.30 13.25
N SER D 77 22.45 25.37 13.69
CA SER D 77 21.98 26.30 14.72
C SER D 77 21.26 25.63 15.91
N LEU D 78 21.90 24.62 16.49
CA LEU D 78 21.39 23.80 17.59
C LEU D 78 20.69 24.58 18.72
N GLU D 79 19.54 24.08 19.17
CA GLU D 79 18.79 24.74 20.26
C GLU D 79 18.67 23.87 21.49
N ALA D 80 18.39 24.47 22.65
CA ALA D 80 18.23 23.77 23.92
C ALA D 80 17.16 22.65 23.80
N GLU D 81 16.07 22.94 23.07
CA GLU D 81 14.98 21.99 22.85
C GLU D 81 15.37 20.79 22.01
N ASP D 82 16.55 20.81 21.36
CA ASP D 82 17.00 19.69 20.57
C ASP D 82 17.66 18.56 21.32
N ALA D 83 17.74 18.67 22.65
CA ALA D 83 18.32 17.66 23.54
C ALA D 83 17.40 16.47 23.45
N ALA D 84 17.87 15.43 22.75
CA ALA D 84 17.07 14.24 22.44
C ALA D 84 17.95 13.12 21.94
N THR D 85 17.40 11.90 21.81
CA THR D 85 18.05 10.79 21.14
C THR D 85 17.36 10.67 19.78
N TYR D 86 18.17 10.65 18.71
CA TYR D 86 17.75 10.59 17.32
C TYR D 86 18.02 9.23 16.77
N TYR D 87 17.04 8.67 16.05
CA TYR D 87 17.14 7.34 15.49
C TYR D 87 16.93 7.38 14.00
N CYS D 88 17.69 6.58 13.27
CA CYS D 88 17.47 6.39 11.84
C CYS D 88 16.70 5.09 11.67
N GLN D 89 15.99 4.96 10.57
CA GLN D 89 15.16 3.79 10.30
C GLN D 89 15.17 3.57 8.80
N GLN D 90 15.39 2.35 8.34
CA GLN D 90 15.32 2.07 6.92
C GLN D 90 14.03 1.35 6.64
N TYR D 91 13.46 1.55 5.43
CA TYR D 91 12.26 0.81 5.05
C TYR D 91 12.42 0.22 3.61
N ARG D 92 13.68 -0.14 3.26
CA ARG D 92 14.08 -0.84 2.05
C ARG D 92 13.45 -2.24 2.17
N ASP D 93 13.60 -2.93 3.33
CA ASP D 93 12.90 -4.20 3.60
C ASP D 93 11.86 -3.88 4.68
N PRO D 94 10.62 -3.59 4.30
CA PRO D 94 9.60 -3.20 5.27
C PRO D 94 9.14 -4.26 6.29
N PRO D 95 8.56 -3.88 7.45
CA PRO D 95 8.31 -2.52 7.98
C PRO D 95 9.54 -1.71 8.34
N GLY D 96 10.70 -2.37 8.47
CA GLY D 96 11.94 -1.67 8.71
C GLY D 96 12.65 -2.01 9.99
N THR D 97 13.84 -1.45 10.15
CA THR D 97 14.72 -1.61 11.29
C THR D 97 15.30 -0.25 11.64
N PHE D 98 15.61 -0.04 12.93
CA PHE D 98 16.12 1.20 13.44
C PHE D 98 17.56 1.03 13.91
N GLY D 99 18.31 2.15 13.84
CA GLY D 99 19.63 2.23 14.41
C GLY D 99 19.54 2.28 15.93
N GLY D 100 20.68 2.26 16.60
CA GLY D 100 20.73 2.25 18.06
C GLY D 100 20.49 3.58 18.74
N GLY D 101 20.52 4.65 17.95
CA GLY D 101 20.27 6.02 18.37
C GLY D 101 21.52 6.80 18.69
N THR D 102 21.42 8.12 18.61
CA THR D 102 22.51 9.04 18.99
C THR D 102 21.87 10.09 19.88
N LYS D 103 22.41 10.26 21.08
CA LYS D 103 21.92 11.26 22.01
C LYS D 103 22.70 12.54 21.80
N VAL D 104 21.99 13.62 21.53
CA VAL D 104 22.59 14.92 21.33
C VAL D 104 22.45 15.70 22.65
N GLU D 105 23.58 15.99 23.26
CA GLU D 105 23.63 16.75 24.50
C GLU D 105 23.88 18.20 24.11
N ILE D 106 23.16 19.13 24.71
CA ILE D 106 23.44 20.55 24.45
C ILE D 106 24.58 20.99 25.40
N LYS D 107 25.74 21.29 24.83
CA LYS D 107 26.88 21.73 25.63
C LYS D 107 26.77 23.19 25.95
N ARG D 108 26.01 23.48 26.98
CA ARG D 108 25.82 24.87 27.42
C ARG D 108 27.06 25.30 28.26
N THR D 109 27.01 26.51 28.85
CA THR D 109 28.04 27.00 29.77
C THR D 109 28.06 26.19 31.09
N VAL D 110 29.13 26.30 31.86
CA VAL D 110 29.23 25.68 33.17
C VAL D 110 28.22 26.33 34.12
N ALA D 111 27.51 25.51 34.91
CA ALA D 111 26.57 26.01 35.88
C ALA D 111 26.75 25.16 37.15
N ALA D 112 27.11 25.82 38.26
CA ALA D 112 27.33 25.16 39.54
C ALA D 112 26.01 24.65 40.09
N PRO D 113 26.01 23.48 40.74
CA PRO D 113 24.76 23.02 41.38
C PRO D 113 24.45 23.86 42.59
N SER D 114 23.16 24.02 42.84
CA SER D 114 22.65 24.55 44.08
C SER D 114 22.46 23.25 44.90
N VAL D 115 23.00 23.21 46.11
CA VAL D 115 22.96 21.97 46.93
C VAL D 115 22.04 22.09 48.14
N PHE D 116 21.17 21.09 48.35
CA PHE D 116 20.22 21.06 49.46
C PHE D 116 20.25 19.71 50.19
N ILE D 117 20.14 19.71 51.52
CA ILE D 117 20.09 18.45 52.27
C ILE D 117 18.69 18.33 52.94
N PHE D 118 18.18 17.09 52.98
CA PHE D 118 16.89 16.81 53.58
C PHE D 118 17.05 15.67 54.54
N PRO D 119 16.92 15.91 55.84
CA PRO D 119 16.97 14.81 56.80
C PRO D 119 15.76 13.88 56.63
N PRO D 120 15.85 12.62 57.13
CA PRO D 120 14.66 11.74 57.10
C PRO D 120 13.48 12.37 57.88
N SER D 121 12.26 12.20 57.37
CA SER D 121 11.07 12.80 58.03
C SER D 121 10.57 12.04 59.27
N ASP D 122 9.73 12.70 60.09
CA ASP D 122 9.08 12.13 61.28
C ASP D 122 8.15 10.99 60.87
N GLU D 123 7.45 11.14 59.73
CA GLU D 123 6.60 10.10 59.19
C GLU D 123 7.42 8.85 58.85
N GLN D 124 8.62 9.03 58.27
CA GLN D 124 9.53 7.96 57.86
C GLN D 124 10.21 7.25 59.02
N LEU D 125 10.74 8.02 60.00
CA LEU D 125 11.41 7.45 61.16
C LEU D 125 10.43 6.61 62.00
N LYS D 126 9.14 7.02 62.04
CA LYS D 126 8.10 6.26 62.76
C LYS D 126 7.76 4.92 62.09
N SER D 127 8.42 4.58 60.96
CA SER D 127 8.21 3.32 60.23
C SER D 127 9.49 2.45 60.14
N GLY D 128 10.49 2.72 60.99
CA GLY D 128 11.71 1.91 61.06
C GLY D 128 12.86 2.18 60.10
N THR D 129 12.69 3.13 59.15
CA THR D 129 13.76 3.40 58.18
C THR D 129 14.23 4.87 58.20
N ALA D 130 15.52 5.11 57.90
CA ALA D 130 16.03 6.48 57.83
C ALA D 130 16.86 6.70 56.57
N GLU D 131 16.43 7.63 55.73
CA GLU D 131 17.17 7.95 54.49
C GLU D 131 17.46 9.43 54.44
N VAL D 132 18.66 9.79 53.98
CA VAL D 132 19.05 11.20 53.87
C VAL D 132 19.19 11.59 52.41
N VAL D 133 18.56 12.69 51.97
CA VAL D 133 18.62 13.11 50.58
C VAL D 133 19.42 14.39 50.39
N CYS D 134 20.39 14.36 49.47
CA CYS D 134 21.20 15.50 49.06
C CYS D 134 20.82 15.80 47.59
N LEU D 135 20.23 16.99 47.36
CA LEU D 135 19.80 17.42 46.02
C LEU D 135 20.82 18.36 45.42
N LEU D 136 21.25 18.06 44.16
CA LEU D 136 22.14 18.91 43.37
C LEU D 136 21.21 19.38 42.24
N ASN D 137 20.90 20.67 42.23
CA ASN D 137 19.97 21.24 41.31
C ASN D 137 20.62 22.01 40.19
N ASN D 138 20.10 21.81 38.97
CA ASN D 138 20.39 22.53 37.74
C ASN D 138 21.85 22.90 37.53
N PHE D 139 22.66 21.89 37.25
CA PHE D 139 24.10 22.05 37.03
C PHE D 139 24.53 21.52 35.65
N TYR D 140 25.71 21.94 35.17
CA TYR D 140 26.30 21.46 33.91
C TYR D 140 27.82 21.70 33.99
N PRO D 141 28.71 20.75 33.58
CA PRO D 141 28.43 19.41 33.00
C PRO D 141 27.83 18.41 33.99
N ARG D 142 27.32 17.30 33.44
CA ARG D 142 26.65 16.23 34.20
C ARG D 142 27.57 15.62 35.28
N GLU D 143 28.89 15.60 35.04
CA GLU D 143 29.83 15.03 35.99
C GLU D 143 29.86 15.76 37.33
N ALA D 144 29.70 15.01 38.42
CA ALA D 144 29.72 15.56 39.78
C ALA D 144 30.09 14.46 40.74
N LYS D 145 30.66 14.82 41.87
CA LYS D 145 31.06 13.86 42.89
C LYS D 145 30.39 14.25 44.19
N VAL D 146 29.61 13.34 44.78
CA VAL D 146 28.88 13.60 46.02
C VAL D 146 29.31 12.57 47.05
N GLN D 147 29.89 13.02 48.17
CA GLN D 147 30.29 12.13 49.25
C GLN D 147 29.49 12.41 50.51
N TRP D 148 29.18 11.36 51.26
CA TRP D 148 28.43 11.45 52.50
C TRP D 148 29.37 11.29 53.66
N LYS D 149 29.10 12.03 54.74
CA LYS D 149 29.93 11.95 55.94
C LYS D 149 28.98 11.91 57.14
N VAL D 150 29.19 10.97 58.04
CA VAL D 150 28.31 10.81 59.20
C VAL D 150 29.18 11.03 60.41
N ASP D 151 28.91 12.05 61.22
CA ASP D 151 29.81 12.45 62.31
C ASP D 151 31.24 12.69 61.78
N ASN D 152 31.35 13.13 60.47
CA ASN D 152 32.58 13.42 59.70
C ASN D 152 33.33 12.18 59.20
N ALA D 153 32.75 10.99 59.38
CA ALA D 153 33.32 9.75 58.90
C ALA D 153 32.74 9.48 57.50
N LEU D 154 33.63 9.39 56.52
CA LEU D 154 33.31 9.20 55.12
C LEU D 154 32.65 7.85 54.84
N GLN D 155 31.46 7.93 54.29
CA GLN D 155 30.64 6.79 53.98
C GLN D 155 31.01 6.16 52.66
N SER D 156 30.99 4.82 52.60
CA SER D 156 31.31 4.08 51.38
C SER D 156 30.37 2.92 51.17
N GLY D 157 29.71 2.92 50.00
CA GLY D 157 28.83 1.86 49.58
C GLY D 157 27.46 1.81 50.21
N ASN D 158 26.96 2.94 50.75
CA ASN D 158 25.62 2.96 51.34
C ASN D 158 24.73 4.08 50.81
N SER D 159 25.03 4.58 49.61
CA SER D 159 24.21 5.60 48.98
C SER D 159 23.93 5.25 47.50
N GLN D 160 22.84 5.80 46.94
CA GLN D 160 22.49 5.56 45.55
C GLN D 160 22.15 6.90 44.90
N GLU D 161 22.65 7.15 43.69
CA GLU D 161 22.38 8.37 42.91
C GLU D 161 21.34 8.16 41.84
N SER D 162 20.74 9.26 41.39
CA SER D 162 19.75 9.31 40.32
C SER D 162 19.93 10.66 39.60
N VAL D 163 20.04 10.66 38.27
CA VAL D 163 20.25 11.91 37.52
C VAL D 163 19.08 12.13 36.58
N THR D 164 18.54 13.35 36.49
CA THR D 164 17.48 13.65 35.52
C THR D 164 18.07 13.65 34.11
N GLU D 165 17.21 13.60 33.07
CA GLU D 165 17.70 13.77 31.71
C GLU D 165 17.97 15.29 31.51
N GLN D 166 18.79 15.66 30.54
CA GLN D 166 19.09 17.08 30.28
C GLN D 166 17.81 17.89 30.03
N ASP D 167 17.63 19.01 30.76
CA ASP D 167 16.48 19.87 30.67
C ASP D 167 16.39 20.49 29.28
N SER D 168 15.20 20.53 28.72
CA SER D 168 14.95 21.08 27.37
C SER D 168 14.91 22.58 27.33
N LYS D 169 14.87 23.26 28.51
CA LYS D 169 14.81 24.72 28.54
C LYS D 169 16.12 25.38 28.96
N ASP D 170 16.77 24.89 30.03
CA ASP D 170 18.06 25.47 30.46
C ASP D 170 19.25 24.57 30.19
N SER D 171 19.03 23.34 29.68
CA SER D 171 20.11 22.42 29.37
C SER D 171 20.95 21.94 30.57
N THR D 172 20.40 21.96 31.79
CA THR D 172 21.12 21.45 32.97
C THR D 172 20.65 20.01 33.27
N TYR D 173 21.26 19.36 34.28
CA TYR D 173 20.94 18.09 34.89
C TYR D 173 20.76 18.37 36.37
N SER D 174 20.02 17.49 37.03
CA SER D 174 19.83 17.53 38.46
C SER D 174 20.10 16.11 38.97
N LEU D 175 20.52 16.01 40.22
CA LEU D 175 20.94 14.75 40.80
C LEU D 175 20.43 14.68 42.20
N SER D 176 20.03 13.49 42.62
CA SER D 176 19.69 13.22 43.99
C SER D 176 20.65 12.15 44.47
N SER D 177 21.17 12.27 45.68
CA SER D 177 21.97 11.20 46.30
C SER D 177 21.20 10.80 47.53
N THR D 178 20.98 9.50 47.77
CA THR D 178 20.25 9.09 48.97
C THR D 178 21.07 8.16 49.80
N LEU D 179 21.40 8.53 51.04
CA LEU D 179 22.19 7.74 51.97
C LEU D 179 21.22 6.91 52.77
N GLU D 180 21.44 5.59 52.82
CA GLU D 180 20.49 4.70 53.50
C GLU D 180 21.08 4.14 54.76
N LEU D 181 20.38 4.38 55.85
CA LEU D 181 20.81 3.90 57.16
C LEU D 181 19.66 3.21 57.81
N SER D 182 19.97 2.25 58.68
CA SER D 182 18.92 1.65 59.53
C SER D 182 18.60 2.73 60.58
N LYS D 183 17.34 2.79 61.04
CA LYS D 183 16.92 3.78 62.03
C LYS D 183 17.77 3.74 63.30
N ALA D 184 18.27 2.55 63.68
CA ALA D 184 19.14 2.44 64.85
C ALA D 184 20.50 3.10 64.63
N ASP D 185 21.15 2.86 63.46
CA ASP D 185 22.43 3.48 63.13
C ASP D 185 22.26 5.00 62.98
N TYR D 186 21.13 5.45 62.40
CA TYR D 186 20.85 6.87 62.27
C TYR D 186 20.78 7.58 63.63
N GLU D 187 20.06 7.01 64.59
CA GLU D 187 19.88 7.64 65.90
C GLU D 187 21.13 7.60 66.80
N LYS D 188 22.22 7.00 66.32
CA LYS D 188 23.50 6.92 67.03
C LYS D 188 24.46 8.05 66.63
N HIS D 189 24.09 8.88 65.63
CA HIS D 189 24.94 9.97 65.18
C HIS D 189 24.24 11.30 65.19
N LYS D 190 24.99 12.41 65.07
CA LYS D 190 24.39 13.73 65.05
C LYS D 190 24.59 14.45 63.74
N VAL D 191 25.80 14.50 63.17
CA VAL D 191 26.04 15.34 61.99
C VAL D 191 25.99 14.57 60.66
N TYR D 192 25.11 15.01 59.76
CA TYR D 192 24.94 14.38 58.47
C TYR D 192 25.27 15.39 57.40
N ALA D 193 26.26 15.06 56.59
CA ALA D 193 26.74 15.98 55.59
C ALA D 193 26.92 15.36 54.21
N CYS D 194 26.53 16.11 53.16
CA CYS D 194 26.84 15.71 51.79
C CYS D 194 27.81 16.76 51.20
N GLU D 195 28.93 16.29 50.67
CA GLU D 195 29.95 17.16 50.09
C GLU D 195 29.93 17.03 48.58
N VAL D 196 29.79 18.15 47.90
CA VAL D 196 29.66 18.17 46.46
C VAL D 196 30.85 18.82 45.76
N THR D 197 31.47 18.08 44.83
CA THR D 197 32.57 18.54 43.98
C THR D 197 32.00 18.64 42.53
N HIS D 198 32.06 19.84 41.95
CA HIS D 198 31.60 20.11 40.59
C HIS D 198 32.47 21.19 39.95
N GLN D 199 32.65 21.12 38.60
CA GLN D 199 33.48 22.10 37.86
C GLN D 199 33.08 23.57 38.07
N GLY D 200 31.79 23.82 38.36
CA GLY D 200 31.29 25.16 38.63
C GLY D 200 31.59 25.70 40.01
N LEU D 201 32.13 24.87 40.91
CA LEU D 201 32.45 25.27 42.30
C LEU D 201 33.98 25.27 42.44
N SER D 202 34.55 26.42 42.84
CA SER D 202 36.00 26.58 43.03
C SER D 202 36.56 25.56 44.03
N SER D 203 35.75 25.17 45.02
CA SER D 203 36.09 24.07 45.92
C SER D 203 34.79 23.38 46.37
N PRO D 204 34.89 22.12 46.86
CA PRO D 204 33.68 21.39 47.28
C PRO D 204 32.78 22.11 48.28
N VAL D 205 31.45 22.04 48.08
CA VAL D 205 30.48 22.66 48.97
C VAL D 205 29.87 21.61 49.89
N THR D 206 29.66 21.95 51.18
CA THR D 206 29.05 21.04 52.11
C THR D 206 27.72 21.56 52.66
N LYS D 207 26.72 20.70 52.67
CA LYS D 207 25.42 21.00 53.25
C LYS D 207 25.21 20.00 54.34
N SER D 208 24.98 20.51 55.53
CA SER D 208 24.93 19.72 56.73
C SER D 208 23.73 20.01 57.60
N PHE D 209 23.44 19.07 58.48
CA PHE D 209 22.45 19.23 59.54
C PHE D 209 22.90 18.43 60.74
N ASN D 210 22.41 18.82 61.92
CA ASN D 210 22.69 18.11 63.14
C ASN D 210 21.34 17.56 63.54
N ARG D 211 21.23 16.23 63.67
CA ARG D 211 20.00 15.51 64.02
C ARG D 211 19.27 16.12 65.20
N GLY D 212 19.99 16.44 66.26
CA GLY D 212 19.43 17.04 67.46
C GLY D 212 18.85 18.44 67.30
N GLU D 213 18.92 19.00 66.09
CA GLU D 213 18.42 20.35 65.81
C GLU D 213 17.31 20.37 64.76
N CYS D 214 16.62 19.24 64.54
CA CYS D 214 15.51 19.14 63.60
C CYS D 214 14.30 18.61 64.35
C1 EDO E . -3.00 -22.13 -47.05
O1 EDO E . -2.31 -23.36 -47.25
C2 EDO E . -3.28 -21.85 -45.57
O2 EDO E . -2.10 -22.01 -44.79
C1 EDO F . -17.72 -37.99 -37.70
O1 EDO F . -19.03 -38.56 -37.64
C2 EDO F . -17.59 -36.96 -36.61
O2 EDO F . -16.94 -37.48 -35.46
C1 EDO G . -34.94 -32.76 -38.62
O1 EDO G . -34.14 -32.80 -39.79
C2 EDO G . -34.79 -34.03 -37.81
O2 EDO G . -34.77 -33.71 -36.42
C1 EDO H . -12.77 -20.33 -25.37
O1 EDO H . -12.65 -19.35 -26.40
C2 EDO H . -14.02 -20.11 -24.56
O2 EDO H . -13.72 -20.09 -23.18
C1 EDO I . 6.16 -21.23 -19.67
O1 EDO I . 7.00 -20.30 -19.01
C2 EDO I . 4.79 -21.29 -19.04
O2 EDO I . 3.84 -21.42 -20.09
C1 EDO J . -39.00 -33.13 -35.98
O1 EDO J . -38.91 -33.78 -37.24
C2 EDO J . -39.90 -31.92 -36.08
O2 EDO J . -40.59 -31.72 -34.86
C1 EDO K . -9.63 -5.39 -25.29
O1 EDO K . -8.84 -5.79 -24.19
C2 EDO K . -8.83 -5.56 -26.53
O2 EDO K . -9.74 -5.43 -27.59
C1 EDO L . -38.66 -9.61 -34.10
O1 EDO L . -39.78 -10.00 -34.90
C2 EDO L . -38.84 -10.06 -32.66
O2 EDO L . -37.67 -10.73 -32.22
C1 EDO M . 1.15 11.35 -32.36
O1 EDO M . 0.13 11.77 -33.24
C2 EDO M . 1.35 12.35 -31.24
O2 EDO M . 0.12 12.66 -30.58
C1 EDO N . -4.71 5.86 -16.61
O1 EDO N . -4.73 6.94 -17.54
C2 EDO N . -5.00 6.34 -15.22
O2 EDO N . -5.90 5.44 -14.58
C1 EDO O . 13.27 -18.61 -14.24
O1 EDO O . 12.56 -19.74 -14.74
C2 EDO O . 12.48 -17.90 -13.16
O2 EDO O . 13.03 -16.62 -12.91
C1 EDO P . 8.31 1.38 -35.74
O1 EDO P . 9.63 1.88 -35.58
C2 EDO P . 8.32 0.10 -36.55
O2 EDO P . 8.63 -1.03 -35.75
C1 EDO Q . 1.35 19.28 -26.63
O1 EDO Q . 1.14 20.40 -27.48
C2 EDO Q . 1.18 18.00 -27.37
O2 EDO Q . 0.74 17.01 -26.47
C1 EDO R . 18.43 6.25 -17.07
O1 EDO R . 19.79 6.31 -17.49
C2 EDO R . 18.20 5.06 -16.18
O2 EDO R . 17.03 4.37 -16.58
C1 EDO S . -9.37 8.42 -16.92
O1 EDO S . -8.30 8.11 -17.82
C2 EDO S . -10.48 7.38 -17.02
O2 EDO S . -9.98 6.09 -17.31
C1 EDO T . -1.22 5.97 -33.32
O1 EDO T . -2.05 5.41 -32.28
C2 EDO T . 0.11 5.23 -33.35
O2 EDO T . 1.23 6.09 -33.49
C1 EDO U . 1.46 -5.74 6.15
O1 EDO U . 0.35 -6.07 5.33
C2 EDO U . 1.02 -5.54 7.57
O2 EDO U . 0.64 -4.18 7.77
C1 EDO V . -10.31 -6.90 10.95
O1 EDO V . -10.88 -5.84 10.21
C2 EDO V . -11.36 -7.51 11.84
O2 EDO V . -12.38 -8.12 11.05
C1 EDO W . -0.29 11.88 18.82
O1 EDO W . -0.52 10.62 18.22
C2 EDO W . 0.42 12.80 17.88
O2 EDO W . 1.68 12.28 17.50
C1 EDO X . -5.42 16.52 12.31
O1 EDO X . -6.26 15.38 12.14
C2 EDO X . -3.96 16.19 12.23
O2 EDO X . -3.38 15.90 13.49
C1 EDO Y . -14.25 0.34 8.55
O1 EDO Y . -14.66 -0.17 7.30
C2 EDO Y . -15.37 0.92 9.36
O2 EDO Y . -14.84 1.86 10.28
C1 EDO Z . -4.31 7.29 3.50
O1 EDO Z . -5.64 7.77 3.52
C2 EDO Z . -4.28 5.84 3.95
O2 EDO Z . -4.75 4.96 2.94
C1 EDO AA . 3.10 28.05 43.19
O1 EDO AA . 4.08 29.03 42.91
C2 EDO AA . 2.81 27.25 41.96
O2 EDO AA . 1.73 26.36 42.21
C1 EDO BA . 1.99 15.67 19.95
O1 EDO BA . 1.50 16.76 19.17
C2 EDO BA . 1.83 15.93 21.43
O2 EDO BA . 1.18 14.82 22.05
C1 EDO CA . 10.84 20.19 17.59
O1 EDO CA . 11.41 21.39 17.09
C2 EDO CA . 10.99 19.11 16.54
O2 EDO CA . 10.31 17.95 16.98
C1 EDO DA . 5.07 18.02 11.81
O1 EDO DA . 5.97 18.53 12.78
C2 EDO DA . 4.26 16.94 12.46
O2 EDO DA . 4.70 15.68 12.02
C1 EDO EA . 21.61 2.95 -3.75
O1 EDO EA . 21.83 4.32 -3.50
C2 EDO EA . 22.78 2.40 -4.50
O2 EDO EA . 22.82 0.99 -4.44
C1 EDO FA . 31.52 28.18 44.71
O1 EDO FA . 32.61 28.42 43.81
C2 EDO FA . 31.88 27.19 45.80
O2 EDO FA . 33.17 27.44 46.34
#